data_9CMP
#
_entry.id   9CMP
#
_cell.length_a   1.00
_cell.length_b   1.00
_cell.length_c   1.00
_cell.angle_alpha   90.00
_cell.angle_beta   90.00
_cell.angle_gamma   90.00
#
_symmetry.space_group_name_H-M   'P 1'
#
loop_
_entity.id
_entity.type
_entity.pdbx_description
1 polymer "RNA (5'-R(P*UP*GP*GP*AP*AP*GP*AP*CP*UP*AP*GP*UP*GP*AP*UP*UP*UP*UP*GP*UP*U)-3')"
2 polymer "RNA (5'-R(*CP*AP*AP*CP*AP*AP*AP*AP*UP*CP*AP*CP*UP*AP*GP*UP*CP*UP*UP*CP*CP*A)-3')"
3 polymer 'Protein argonaute-2'
4 non-polymer 'MAGNESIUM ION'
#
loop_
_entity_poly.entity_id
_entity_poly.type
_entity_poly.pdbx_seq_one_letter_code
_entity_poly.pdbx_strand_id
1 'polyribonucleotide' UGGAAGACUAGUGAUUUUGUUG G
2 'polyribonucleotide' UUUCAACAAAAUCACUAGUCUUCCAAAU T
3 'polypeptide(L)'
;GSYSGAGPALAPPAPPPPIQGYAFKPPPRPDFGTSGRTIKLQANFFEMDIPKIDIYHYELDIKPEKCPRRVNREIVEHMV
QHFKTQIFGDRKPVFDGRKNLYTAMPLPIGRDKVELEVTLPGEGKDRIFKVSIKWVSCVSLQALHDALSGRLPSVPFETI
QALDVVMRHLPSMRYTPVGRSFFTASEGCSNPLGGGREVWFGFHQSVRPSLWKMMLNIDVSATAFYKAQPVIEFVCEVLD
FKSIEEQQKPLTDSQRVKFTKEIKGLKVEITHCGQMKRKYRVCNVTRRPASHQTFPLQQESGQTVECTVAQYFKDRHKLV
LRYPHLPCLQVGQEQKHTYLPLEVCNIVAGQRCIKKLTDNQTSTMIRATARSAPDRQEEISKLMRSASFNTDPYVREFGI
MVKDEMTDVTGRVLQPPSILYGGRNKAIATPVQGVWDMRNKQFHTGIEIKVWAIACFAPQRQCTEVHLKSFTEQLRKISR
DAGMPIQGQPCFCKYAQGADSVEPMFRHLKNTYAGLQLVVVILPGKTPVYAEVKRVGDTVLGMATQCVQMKNVQRTTPQT
LSNLCLKINVKLGGVNNILLPQGRPPVFQQPVIFLGADVTHPPAGDGKKPSIAAVVGSMDAHPNRYCATVRVQQHRQEII
QDLAAMVRELLIQFYKSTRFKPTRIIFYRAGVSEGQFQQVLHHELLAIREACIKLEKDYQPGITFIVVQKRHHTRLFCTD
KNERVGKSGNIPAGTTVDTKITHPTEFDFYLCSHAGIQGTSRPSHYHVLWDDNRFSSDELQILTYQLCHTYVRCTRSVSI
PAPAYYAHLVAFRARYHLVDKEHDSAEGSHTSGQSNGRDHQALAKAVQVHQDTLRTMYFA
;
A
#
loop_
_chem_comp.id
_chem_comp.type
_chem_comp.name
_chem_comp.formula
A RNA linking ADENOSINE-5'-MONOPHOSPHATE 'C10 H14 N5 O7 P'
C RNA linking CYTIDINE-5'-MONOPHOSPHATE 'C9 H14 N3 O8 P'
G RNA linking GUANOSINE-5'-MONOPHOSPHATE 'C10 H14 N5 O8 P'
MG non-polymer 'MAGNESIUM ION' 'Mg 2'
U RNA linking URIDINE-5'-MONOPHOSPHATE 'C9 H13 N2 O9 P'
#
# COMPACT_ATOMS: atom_id res chain seq x y z
N PHE C 24 -3.05 15.18 23.96
CA PHE C 24 -4.42 15.08 24.46
C PHE C 24 -5.36 15.04 23.24
N LYS C 25 -6.36 15.92 23.16
CA LYS C 25 -7.26 15.90 22.02
C LYS C 25 -6.51 16.43 20.78
N PRO C 26 -6.68 15.82 19.60
CA PRO C 26 -6.12 16.43 18.42
C PRO C 26 -6.79 17.76 18.13
N PRO C 27 -6.07 18.70 17.52
CA PRO C 27 -6.61 20.06 17.43
C PRO C 27 -7.76 20.13 16.45
N PRO C 28 -8.67 21.12 16.58
CA PRO C 28 -9.68 21.30 15.55
C PRO C 28 -9.07 21.91 14.29
N ARG C 29 -9.78 21.71 13.17
CA ARG C 29 -9.35 22.24 11.89
C ARG C 29 -9.31 23.78 11.96
N PRO C 30 -8.13 24.42 11.92
CA PRO C 30 -8.13 25.90 11.99
C PRO C 30 -8.83 26.57 10.82
N ASP C 31 -8.74 26.00 9.62
CA ASP C 31 -9.36 26.59 8.44
C ASP C 31 -9.23 25.59 7.30
N PHE C 32 -9.96 25.86 6.22
CA PHE C 32 -9.97 25.02 5.03
C PHE C 32 -8.94 25.43 3.99
N GLY C 33 -8.16 26.48 4.23
CA GLY C 33 -7.08 26.85 3.34
C GLY C 33 -7.56 27.66 2.14
N THR C 34 -6.61 28.39 1.55
CA THR C 34 -6.86 29.22 0.37
C THR C 34 -5.78 29.12 -0.69
N SER C 35 -4.61 28.56 -0.41
CA SER C 35 -3.48 28.61 -1.33
C SER C 35 -3.63 27.58 -2.45
N GLY C 36 -3.12 27.94 -3.62
CA GLY C 36 -2.99 27.03 -4.75
C GLY C 36 -4.02 27.29 -5.82
N ARG C 37 -3.98 26.42 -6.83
CA ARG C 37 -4.90 26.46 -7.95
C ARG C 37 -6.31 26.08 -7.48
N THR C 38 -7.27 26.13 -8.39
CA THR C 38 -8.60 25.57 -8.21
C THR C 38 -8.84 24.53 -9.31
N ILE C 39 -9.20 23.32 -8.91
CA ILE C 39 -9.53 22.24 -9.84
C ILE C 39 -10.81 21.56 -9.39
N LYS C 40 -11.70 21.32 -10.34
CA LYS C 40 -12.85 20.45 -10.09
C LYS C 40 -12.37 19.01 -10.10
N LEU C 41 -12.74 18.26 -9.08
CA LEU C 41 -12.29 16.89 -8.87
C LEU C 41 -13.51 16.04 -8.52
N GLN C 42 -13.42 14.73 -8.79
CA GLN C 42 -14.50 13.80 -8.53
C GLN C 42 -13.99 12.63 -7.71
N ALA C 43 -14.62 12.39 -6.57
CA ALA C 43 -14.39 11.22 -5.76
C ALA C 43 -15.49 10.20 -6.01
N ASN C 44 -15.11 8.92 -5.89
CA ASN C 44 -16.04 7.82 -6.15
C ASN C 44 -17.09 7.66 -5.05
N PHE C 45 -17.09 8.49 -4.01
CA PHE C 45 -18.19 8.52 -3.07
C PHE C 45 -19.47 8.97 -3.80
N PHE C 46 -20.61 8.74 -3.14
CA PHE C 46 -21.91 9.07 -3.68
C PHE C 46 -22.74 9.77 -2.61
N GLU C 47 -23.61 10.67 -3.06
CA GLU C 47 -24.45 11.44 -2.16
C GLU C 47 -25.60 10.58 -1.65
N MET C 48 -26.39 11.14 -0.74
CA MET C 48 -27.37 10.37 0.03
C MET C 48 -28.64 11.19 0.21
N ASP C 49 -29.69 10.50 0.64
CA ASP C 49 -30.93 11.08 1.14
C ASP C 49 -31.20 10.72 2.58
N ILE C 50 -30.93 9.47 2.98
CA ILE C 50 -30.97 8.98 4.35
C ILE C 50 -32.24 9.37 5.10
N PRO C 51 -33.39 8.74 4.82
CA PRO C 51 -34.60 9.03 5.59
C PRO C 51 -34.43 8.72 7.07
N LYS C 52 -35.30 9.32 7.88
CA LYS C 52 -35.20 9.26 9.33
C LYS C 52 -36.06 8.16 9.94
N ILE C 53 -36.46 7.15 9.16
CA ILE C 53 -37.28 6.08 9.71
C ILE C 53 -36.43 5.22 10.66
N ASP C 54 -37.14 4.51 11.54
CA ASP C 54 -36.53 3.59 12.50
C ASP C 54 -36.66 2.18 11.96
N ILE C 55 -35.52 1.58 11.62
CA ILE C 55 -35.49 0.23 11.04
C ILE C 55 -35.53 -0.79 12.16
N TYR C 56 -36.54 -1.66 12.15
CA TYR C 56 -36.61 -2.73 13.13
C TYR C 56 -35.54 -3.77 12.83
N HIS C 57 -34.86 -4.24 13.88
CA HIS C 57 -33.78 -5.22 13.77
C HIS C 57 -34.09 -6.40 14.68
N TYR C 58 -33.95 -7.60 14.14
CA TYR C 58 -34.26 -8.84 14.84
C TYR C 58 -33.12 -9.82 14.69
N GLU C 59 -33.07 -10.78 15.62
CA GLU C 59 -32.04 -11.81 15.66
C GLU C 59 -32.68 -13.16 15.29
N LEU C 60 -32.02 -13.88 14.38
CA LEU C 60 -32.51 -15.15 13.86
C LEU C 60 -31.47 -16.24 14.06
N ASP C 61 -31.95 -17.46 14.33
CA ASP C 61 -31.12 -18.65 14.45
C ASP C 61 -31.59 -19.67 13.41
N ILE C 62 -30.65 -20.16 12.61
CA ILE C 62 -30.94 -21.07 11.49
C ILE C 62 -30.15 -22.35 11.70
N LYS C 63 -30.83 -23.48 11.51
CA LYS C 63 -30.25 -24.81 11.59
C LYS C 63 -30.42 -25.54 10.25
N PRO C 64 -29.42 -26.29 9.77
CA PRO C 64 -28.05 -26.54 10.25
C PRO C 64 -27.18 -25.29 10.16
N GLU C 65 -26.46 -24.97 11.24
CA GLU C 65 -25.69 -23.73 11.30
C GLU C 65 -24.50 -23.71 10.36
N LYS C 66 -24.07 -24.88 9.85
CA LYS C 66 -22.89 -24.94 8.99
C LYS C 66 -23.16 -24.51 7.56
N CYS C 67 -24.42 -24.23 7.19
CA CYS C 67 -24.72 -23.83 5.83
C CYS C 67 -24.16 -22.44 5.54
N PRO C 68 -23.92 -22.12 4.26
CA PRO C 68 -23.33 -20.82 3.92
C PRO C 68 -24.34 -19.69 4.11
N ARG C 69 -23.79 -18.47 4.11
CA ARG C 69 -24.63 -17.29 4.32
C ARG C 69 -25.59 -17.08 3.15
N ARG C 70 -25.14 -17.33 1.93
CA ARG C 70 -26.01 -17.18 0.77
C ARG C 70 -27.15 -18.20 0.81
N VAL C 71 -26.84 -19.44 1.20
CA VAL C 71 -27.89 -20.43 1.36
C VAL C 71 -28.86 -20.03 2.45
N ASN C 72 -28.37 -19.40 3.52
CA ASN C 72 -29.25 -18.91 4.58
C ASN C 72 -30.16 -17.81 4.05
N ARG C 73 -29.63 -16.91 3.22
CA ARG C 73 -30.46 -15.85 2.65
C ARG C 73 -31.51 -16.44 1.72
N GLU C 74 -31.14 -17.45 0.93
CA GLU C 74 -32.11 -18.11 0.06
C GLU C 74 -33.20 -18.79 0.88
N ILE C 75 -32.81 -19.42 2.00
CA ILE C 75 -33.79 -20.06 2.89
C ILE C 75 -34.71 -19.00 3.49
N VAL C 76 -34.17 -17.84 3.84
CA VAL C 76 -35.00 -16.78 4.41
C VAL C 76 -36.00 -16.27 3.38
N GLU C 77 -35.56 -16.11 2.13
CA GLU C 77 -36.48 -15.71 1.07
C GLU C 77 -37.55 -16.77 0.84
N HIS C 78 -37.17 -18.04 0.86
CA HIS C 78 -38.15 -19.10 0.69
C HIS C 78 -39.13 -19.15 1.85
N MET C 79 -38.69 -18.83 3.05
CA MET C 79 -39.59 -18.78 4.21
C MET C 79 -40.54 -17.60 4.12
N VAL C 80 -40.04 -16.45 3.63
CA VAL C 80 -40.91 -15.30 3.43
C VAL C 80 -41.98 -15.62 2.39
N GLN C 81 -41.58 -16.30 1.30
CA GLN C 81 -42.55 -16.67 0.28
C GLN C 81 -43.54 -17.72 0.80
N HIS C 82 -43.06 -18.70 1.55
CA HIS C 82 -43.92 -19.78 2.01
C HIS C 82 -44.87 -19.31 3.11
N PHE C 83 -44.34 -18.56 4.08
CA PHE C 83 -45.12 -18.08 5.23
C PHE C 83 -45.62 -16.65 5.02
N LYS C 84 -45.88 -16.27 3.76
CA LYS C 84 -46.38 -14.93 3.48
C LYS C 84 -47.80 -14.71 3.96
N THR C 85 -48.56 -15.78 4.21
CA THR C 85 -49.97 -15.63 4.55
C THR C 85 -50.17 -14.92 5.87
N GLN C 86 -49.35 -15.23 6.89
CA GLN C 86 -49.56 -14.76 8.25
C GLN C 86 -48.33 -14.14 8.91
N ILE C 87 -47.12 -14.41 8.43
CA ILE C 87 -45.90 -14.03 9.13
C ILE C 87 -45.28 -12.79 8.50
N PHE C 88 -44.86 -12.89 7.24
CA PHE C 88 -44.08 -11.85 6.57
C PHE C 88 -44.93 -10.94 5.69
N GLY C 89 -45.80 -11.51 4.86
CA GLY C 89 -46.54 -10.70 3.91
C GLY C 89 -45.64 -10.24 2.78
N ASP C 90 -45.87 -9.00 2.32
CA ASP C 90 -45.13 -8.42 1.22
C ASP C 90 -43.85 -7.71 1.66
N ARG C 91 -43.40 -7.91 2.90
CA ARG C 91 -42.19 -7.26 3.37
C ARG C 91 -40.97 -7.80 2.65
N LYS C 92 -39.95 -6.94 2.51
CA LYS C 92 -38.68 -7.28 1.87
C LYS C 92 -37.55 -7.21 2.90
N PRO C 93 -37.45 -8.19 3.79
CA PRO C 93 -36.41 -8.15 4.82
C PRO C 93 -35.02 -8.32 4.23
N VAL C 94 -34.03 -7.76 4.93
CA VAL C 94 -32.62 -7.87 4.59
C VAL C 94 -31.93 -8.60 5.73
N PHE C 95 -31.14 -9.62 5.40
CA PHE C 95 -30.51 -10.52 6.37
C PHE C 95 -29.01 -10.48 6.17
N ASP C 96 -28.28 -10.40 7.28
CA ASP C 96 -26.81 -10.40 7.20
C ASP C 96 -26.27 -11.76 6.80
N GLY C 97 -27.01 -12.83 7.08
CA GLY C 97 -26.64 -14.18 6.67
C GLY C 97 -26.74 -15.20 7.78
N ARG C 98 -26.41 -14.81 9.02
CA ARG C 98 -26.40 -15.72 10.16
C ARG C 98 -27.35 -15.28 11.26
N LYS C 99 -27.22 -14.05 11.75
CA LYS C 99 -27.94 -13.58 12.94
C LYS C 99 -28.85 -12.40 12.66
N ASN C 100 -28.34 -11.33 12.05
CA ASN C 100 -29.05 -10.05 11.99
C ASN C 100 -30.00 -10.04 10.80
N LEU C 101 -31.24 -9.62 11.05
CA LEU C 101 -32.21 -9.32 10.01
C LEU C 101 -32.81 -7.94 10.29
N TYR C 102 -33.22 -7.25 9.22
CA TYR C 102 -33.71 -5.89 9.31
C TYR C 102 -34.98 -5.74 8.48
N THR C 103 -35.85 -4.83 8.92
CA THR C 103 -37.08 -4.53 8.21
C THR C 103 -37.45 -3.07 8.42
N ALA C 104 -38.25 -2.54 7.49
CA ALA C 104 -38.75 -1.18 7.58
C ALA C 104 -40.04 -1.05 8.37
N MET C 105 -40.72 -2.17 8.65
CA MET C 105 -41.95 -2.19 9.43
C MET C 105 -41.88 -3.37 10.39
N PRO C 106 -42.57 -3.29 11.52
CA PRO C 106 -42.51 -4.38 12.49
C PRO C 106 -43.21 -5.63 12.00
N LEU C 107 -42.73 -6.77 12.47
CA LEU C 107 -43.28 -8.09 12.17
C LEU C 107 -44.15 -8.57 13.33
N PRO C 108 -45.09 -9.49 13.06
CA PRO C 108 -45.94 -10.01 14.14
C PRO C 108 -45.22 -10.95 15.10
N ILE C 109 -43.98 -11.35 14.82
CA ILE C 109 -43.27 -12.31 15.67
C ILE C 109 -42.92 -11.74 17.05
N GLY C 110 -42.97 -10.43 17.22
CA GLY C 110 -42.67 -9.83 18.51
C GLY C 110 -43.63 -10.28 19.60
N ARG C 111 -43.15 -10.88 20.70
CA ARG C 111 -41.80 -11.28 21.13
C ARG C 111 -41.81 -12.66 21.75
N ASP C 112 -42.58 -13.57 21.14
CA ASP C 112 -42.65 -14.96 21.54
C ASP C 112 -41.77 -15.82 20.64
N LYS C 113 -41.55 -17.06 21.07
CA LYS C 113 -40.74 -17.99 20.29
C LYS C 113 -41.43 -18.30 18.97
N VAL C 114 -40.74 -18.03 17.87
CA VAL C 114 -41.24 -18.24 16.52
C VAL C 114 -40.23 -19.09 15.77
N GLU C 115 -40.67 -20.27 15.33
CA GLU C 115 -39.84 -21.23 14.59
C GLU C 115 -40.60 -21.66 13.34
N LEU C 116 -39.84 -21.90 12.26
CA LEU C 116 -40.40 -22.29 10.98
C LEU C 116 -39.48 -23.28 10.30
N GLU C 117 -40.00 -23.96 9.28
CA GLU C 117 -39.28 -24.92 8.48
C GLU C 117 -39.38 -24.54 7.01
N VAL C 118 -38.30 -24.80 6.27
CA VAL C 118 -38.19 -24.46 4.85
C VAL C 118 -37.65 -25.66 4.09
N THR C 119 -38.24 -25.92 2.93
CA THR C 119 -37.81 -27.01 2.04
C THR C 119 -37.52 -26.41 0.67
N LEU C 120 -36.30 -26.62 0.19
CA LEU C 120 -35.84 -26.08 -1.09
C LEU C 120 -35.70 -27.19 -2.13
N ARG C 127 -31.73 -30.63 1.84
CA ARG C 127 -32.52 -29.52 1.32
C ARG C 127 -33.70 -29.17 2.23
N ILE C 128 -33.58 -29.48 3.51
CA ILE C 128 -34.59 -29.16 4.53
C ILE C 128 -33.89 -28.45 5.68
N PHE C 129 -34.42 -27.30 6.07
CA PHE C 129 -33.80 -26.43 7.07
C PHE C 129 -34.85 -25.94 8.05
N LYS C 130 -34.39 -25.61 9.25
CA LYS C 130 -35.21 -25.03 10.31
C LYS C 130 -34.63 -23.68 10.72
N VAL C 131 -35.51 -22.72 10.98
CA VAL C 131 -35.11 -21.35 11.31
C VAL C 131 -35.97 -20.86 12.48
N SER C 132 -35.46 -19.84 13.16
CA SER C 132 -36.16 -19.18 14.26
C SER C 132 -35.97 -17.68 14.14
N ILE C 133 -36.91 -16.94 14.74
CA ILE C 133 -36.95 -15.48 14.63
C ILE C 133 -37.24 -14.90 16.00
N LYS C 134 -36.59 -13.77 16.31
CA LYS C 134 -36.82 -13.05 17.55
C LYS C 134 -36.47 -11.58 17.32
N TRP C 135 -37.36 -10.69 17.77
CA TRP C 135 -37.14 -9.26 17.63
C TRP C 135 -36.09 -8.79 18.63
N VAL C 136 -35.28 -7.79 18.21
CA VAL C 136 -34.13 -7.33 18.97
C VAL C 136 -34.33 -5.89 19.42
N SER C 137 -34.39 -4.96 18.48
CA SER C 137 -34.44 -3.54 18.78
C SER C 137 -34.88 -2.77 17.55
N CYS C 138 -34.71 -1.45 17.58
CA CYS C 138 -35.04 -0.58 16.45
C CYS C 138 -33.94 0.46 16.31
N VAL C 139 -33.17 0.37 15.22
CA VAL C 139 -32.11 1.33 14.95
C VAL C 139 -32.74 2.59 14.37
N SER C 140 -32.59 3.71 15.08
CA SER C 140 -33.22 4.96 14.71
C SER C 140 -32.29 5.79 13.84
N LEU C 141 -32.75 6.18 12.65
CA LEU C 141 -32.00 7.11 11.80
C LEU C 141 -32.11 8.55 12.28
N GLN C 142 -33.10 8.86 13.13
CA GLN C 142 -33.13 10.18 13.76
C GLN C 142 -31.93 10.36 14.68
N ALA C 143 -31.53 9.29 15.37
CA ALA C 143 -30.30 9.34 16.15
C ALA C 143 -29.09 9.53 15.24
N LEU C 144 -29.14 8.96 14.03
CA LEU C 144 -28.07 9.20 13.06
C LEU C 144 -27.99 10.67 12.67
N HIS C 145 -29.15 11.30 12.44
CA HIS C 145 -29.17 12.72 12.11
C HIS C 145 -28.68 13.56 13.28
N ASP C 146 -29.04 13.19 14.51
CA ASP C 146 -28.56 13.90 15.69
C ASP C 146 -27.04 13.76 15.82
N ALA C 147 -26.51 12.58 15.57
CA ALA C 147 -25.06 12.37 15.66
C ALA C 147 -24.32 13.07 14.53
N LEU C 148 -24.99 13.28 13.38
CA LEU C 148 -24.35 13.97 12.27
C LEU C 148 -24.05 15.44 12.59
N SER C 149 -24.72 16.03 13.57
CA SER C 149 -24.52 17.42 13.99
C SER C 149 -24.40 17.51 15.51
N GLY C 150 -23.78 16.52 16.12
CA GLY C 150 -23.62 16.52 17.56
C GLY C 150 -23.13 15.17 18.05
N ARG C 151 -23.03 15.07 19.37
CA ARG C 151 -22.61 13.84 20.04
C ARG C 151 -21.23 13.37 19.56
N LEU C 152 -20.35 14.33 19.31
CA LEU C 152 -19.01 14.01 18.82
C LEU C 152 -18.20 13.29 19.88
N VAL C 155 -20.34 9.36 15.88
CA VAL C 155 -21.43 8.60 15.28
C VAL C 155 -21.09 7.11 15.31
N PRO C 156 -21.99 6.30 15.89
CA PRO C 156 -21.83 4.85 16.01
C PRO C 156 -21.92 4.12 14.67
N GLU C 158 -24.00 0.50 16.06
CA GLU C 158 -25.19 -0.22 15.66
C GLU C 158 -25.87 0.42 14.46
N THR C 159 -25.72 1.75 14.33
CA THR C 159 -26.34 2.47 13.22
C THR C 159 -25.58 2.23 11.92
N ILE C 160 -24.27 2.47 11.93
CA ILE C 160 -23.48 2.32 10.72
C ILE C 160 -23.42 0.86 10.28
N GLN C 161 -23.29 -0.06 11.24
CA GLN C 161 -23.29 -1.49 10.90
C GLN C 161 -24.62 -1.92 10.30
N ALA C 162 -25.73 -1.45 10.88
CA ALA C 162 -27.03 -1.78 10.34
C ALA C 162 -27.21 -1.21 8.93
N LEU C 163 -26.73 0.01 8.71
CA LEU C 163 -26.80 0.60 7.38
C LEU C 163 -25.96 -0.18 6.38
N ASP C 164 -24.77 -0.63 6.80
CA ASP C 164 -23.92 -1.43 5.91
C ASP C 164 -24.59 -2.76 5.57
N VAL C 165 -25.26 -3.37 6.54
CA VAL C 165 -25.97 -4.63 6.28
C VAL C 165 -27.13 -4.38 5.32
N VAL C 166 -27.86 -3.27 5.51
CA VAL C 166 -29.06 -3.02 4.72
C VAL C 166 -28.70 -2.67 3.28
N MET C 167 -27.65 -1.86 3.09
CA MET C 167 -27.44 -1.19 1.81
C MET C 167 -27.05 -2.13 0.67
N ARG C 168 -26.66 -3.39 0.96
CA ARG C 168 -26.15 -4.29 -0.07
C ARG C 168 -26.67 -5.72 0.10
N HIS C 169 -27.80 -5.92 0.78
CA HIS C 169 -28.35 -7.26 0.93
C HIS C 169 -28.75 -7.86 -0.41
N LEU C 170 -29.69 -7.21 -1.11
CA LEU C 170 -30.21 -7.76 -2.35
C LEU C 170 -29.16 -7.87 -3.46
N PRO C 171 -28.31 -6.86 -3.70
CA PRO C 171 -27.30 -6.99 -4.77
C PRO C 171 -26.33 -8.13 -4.56
N SER C 172 -26.03 -8.49 -3.31
CA SER C 172 -25.11 -9.58 -3.03
C SER C 172 -25.61 -10.92 -3.56
N MET C 173 -26.91 -11.07 -3.74
CA MET C 173 -27.43 -12.29 -4.36
C MET C 173 -26.99 -12.44 -5.81
N ARG C 174 -26.65 -11.34 -6.49
CA ARG C 174 -26.22 -11.39 -7.88
C ARG C 174 -24.76 -11.81 -8.02
N TYR C 175 -23.97 -11.79 -6.96
CA TYR C 175 -22.56 -12.19 -7.04
C TYR C 175 -22.44 -13.71 -7.06
N PRO C 177 -22.47 -17.25 -4.26
CA PRO C 177 -22.37 -17.14 -2.80
C PRO C 177 -21.18 -16.30 -2.35
N VAL C 178 -20.13 -16.23 -3.17
CA VAL C 178 -18.95 -15.48 -2.80
C VAL C 178 -19.22 -13.98 -2.95
N GLY C 179 -18.64 -13.20 -2.05
CA GLY C 179 -18.76 -11.76 -2.10
C GLY C 179 -20.04 -11.26 -1.47
N ARG C 180 -20.11 -9.94 -1.32
CA ARG C 180 -21.29 -9.24 -0.82
C ARG C 180 -21.52 -7.97 -1.62
N SER C 181 -21.49 -8.08 -2.95
CA SER C 181 -21.52 -6.94 -3.85
C SER C 181 -22.36 -7.29 -5.08
N PHE C 182 -22.77 -6.24 -5.79
CA PHE C 182 -23.55 -6.42 -7.00
C PHE C 182 -22.69 -7.01 -8.12
N PHE C 183 -23.36 -7.63 -9.10
CA PHE C 183 -22.69 -8.27 -10.22
C PHE C 183 -23.52 -8.04 -11.48
N THR C 184 -22.83 -8.11 -12.62
CA THR C 184 -23.43 -7.94 -13.94
C THR C 184 -23.29 -9.22 -14.73
N ALA C 185 -24.39 -9.67 -15.33
CA ALA C 185 -24.40 -10.90 -16.13
C ALA C 185 -23.89 -10.57 -17.53
N SER C 186 -22.58 -10.47 -17.65
CA SER C 186 -21.94 -10.16 -18.92
C SER C 186 -22.11 -11.30 -19.91
N SER C 190 -17.74 -15.30 -24.30
CA SER C 190 -17.77 -13.87 -24.03
C SER C 190 -16.37 -13.28 -23.98
N ASN C 191 -15.48 -13.94 -23.25
CA ASN C 191 -14.10 -13.49 -23.12
C ASN C 191 -13.22 -14.67 -22.70
N PRO C 192 -12.89 -15.58 -23.61
CA PRO C 192 -12.10 -16.76 -23.23
C PRO C 192 -10.68 -16.38 -22.83
N LEU C 193 -10.29 -16.75 -21.60
CA LEU C 193 -8.95 -16.46 -21.11
C LEU C 193 -7.96 -17.53 -21.58
N GLY C 194 -8.21 -18.79 -21.22
CA GLY C 194 -7.35 -19.89 -21.61
C GLY C 194 -7.61 -21.12 -20.77
N GLY C 195 -7.62 -22.29 -21.42
CA GLY C 195 -7.93 -23.52 -20.72
C GLY C 195 -9.36 -23.63 -20.25
N GLY C 196 -10.28 -22.89 -20.87
CA GLY C 196 -11.68 -22.90 -20.47
C GLY C 196 -11.95 -22.02 -19.28
N ARG C 197 -11.69 -20.72 -19.41
CA ARG C 197 -11.95 -19.74 -18.37
C ARG C 197 -12.51 -18.48 -19.01
N GLU C 198 -13.25 -17.71 -18.21
CA GLU C 198 -13.88 -16.49 -18.68
C GLU C 198 -13.90 -15.48 -17.53
N VAL C 199 -14.22 -14.24 -17.87
CA VAL C 199 -14.18 -13.11 -16.94
C VAL C 199 -15.57 -12.48 -16.89
N TRP C 200 -16.10 -12.36 -15.67
CA TRP C 200 -17.33 -11.62 -15.39
C TRP C 200 -17.01 -10.58 -14.31
N PHE C 201 -17.66 -9.43 -14.39
CA PHE C 201 -17.26 -8.25 -13.64
C PHE C 201 -18.26 -7.93 -12.53
N GLY C 202 -17.75 -7.28 -11.50
CA GLY C 202 -18.56 -6.79 -10.40
C GLY C 202 -17.73 -5.90 -9.52
N PHE C 203 -18.43 -4.98 -8.83
CA PHE C 203 -17.79 -3.93 -8.03
C PHE C 203 -18.17 -4.07 -6.57
N HIS C 204 -17.22 -3.77 -5.69
CA HIS C 204 -17.41 -3.80 -4.24
C HIS C 204 -17.88 -2.43 -3.75
N GLN C 205 -18.49 -2.43 -2.57
CA GLN C 205 -19.19 -1.26 -2.04
C GLN C 205 -18.80 -1.03 -0.58
N SER C 206 -19.00 0.21 -0.14
CA SER C 206 -18.75 0.63 1.23
C SER C 206 -19.60 1.85 1.52
N VAL C 207 -19.71 2.20 2.80
CA VAL C 207 -20.49 3.37 3.24
C VAL C 207 -19.78 3.97 4.44
N ARG C 208 -19.38 5.24 4.33
CA ARG C 208 -18.62 5.93 5.34
C ARG C 208 -19.25 7.29 5.63
N PRO C 209 -19.04 7.82 6.83
CA PRO C 209 -19.59 9.15 7.15
C PRO C 209 -18.74 10.25 6.53
N SER C 210 -19.34 11.43 6.47
CA SER C 210 -18.69 12.62 5.92
C SER C 210 -19.39 13.85 6.49
N LEU C 211 -19.11 15.01 5.92
CA LEU C 211 -19.78 16.23 6.34
C LEU C 211 -21.27 16.15 6.03
N TRP C 212 -22.06 16.78 6.89
CA TRP C 212 -23.52 16.84 6.74
C TRP C 212 -24.18 15.47 6.88
N LYS C 213 -23.94 14.57 5.93
CA LYS C 213 -24.60 13.27 5.89
C LYS C 213 -23.58 12.21 5.47
N MET C 214 -24.04 10.96 5.43
CA MET C 214 -23.20 9.83 5.06
C MET C 214 -22.85 9.89 3.58
N MET C 215 -22.04 8.92 3.14
CA MET C 215 -21.64 8.81 1.74
C MET C 215 -21.38 7.35 1.40
N LEU C 216 -22.11 6.84 0.42
CA LEU C 216 -21.80 5.54 -0.16
C LEU C 216 -20.65 5.67 -1.15
N ASN C 217 -19.92 4.57 -1.33
CA ASN C 217 -18.75 4.53 -2.19
C ASN C 217 -18.69 3.16 -2.87
N ILE C 218 -18.22 3.15 -4.11
CA ILE C 218 -18.11 1.93 -4.90
C ILE C 218 -16.75 1.92 -5.58
N ASP C 219 -16.12 0.74 -5.60
CA ASP C 219 -14.83 0.56 -6.25
C ASP C 219 -14.85 -0.75 -7.03
N VAL C 220 -14.38 -0.72 -8.26
CA VAL C 220 -14.45 -1.87 -9.14
C VAL C 220 -13.39 -2.89 -8.72
N SER C 221 -13.84 -4.09 -8.36
CA SER C 221 -12.94 -5.19 -8.02
C SER C 221 -13.64 -6.47 -8.45
N ALA C 222 -13.13 -7.10 -9.51
CA ALA C 222 -13.80 -8.21 -10.19
C ALA C 222 -13.12 -9.53 -9.87
N THR C 223 -13.61 -10.60 -10.49
CA THR C 223 -13.09 -11.94 -10.31
C THR C 223 -13.03 -12.61 -11.68
N ALA C 224 -12.81 -13.93 -11.66
CA ALA C 224 -12.72 -14.73 -12.87
C ALA C 224 -13.52 -16.00 -12.67
N PHE C 225 -13.90 -16.63 -13.79
CA PHE C 225 -14.76 -17.80 -13.80
C PHE C 225 -14.17 -18.88 -14.68
N TYR C 226 -14.30 -20.13 -14.24
CA TYR C 226 -13.99 -21.29 -15.06
C TYR C 226 -15.20 -21.56 -15.96
N LYS C 227 -14.92 -21.76 -17.24
CA LYS C 227 -16.00 -21.82 -18.24
C LYS C 227 -16.90 -23.04 -18.01
N ALA C 228 -18.20 -22.82 -18.20
CA ALA C 228 -19.22 -23.85 -18.14
C ALA C 228 -19.90 -23.94 -19.49
N GLN C 229 -19.97 -25.15 -20.05
CA GLN C 229 -20.57 -25.36 -21.36
C GLN C 229 -20.60 -26.86 -21.67
N PRO C 230 -21.19 -27.26 -22.80
CA PRO C 230 -21.15 -28.67 -23.19
C PRO C 230 -19.73 -29.15 -23.39
N VAL C 231 -19.50 -30.44 -23.12
CA VAL C 231 -18.16 -31.00 -23.22
C VAL C 231 -17.67 -31.08 -24.66
N ILE C 232 -18.58 -31.03 -25.64
CA ILE C 232 -18.16 -30.88 -27.03
C ILE C 232 -17.44 -29.57 -27.22
N GLU C 233 -17.94 -28.49 -26.60
CA GLU C 233 -17.24 -27.21 -26.65
C GLU C 233 -15.89 -27.29 -25.96
N PHE C 234 -15.77 -28.10 -24.91
CA PHE C 234 -14.48 -28.30 -24.27
C PHE C 234 -13.52 -29.02 -25.20
N VAL C 235 -14.00 -30.02 -25.93
CA VAL C 235 -13.15 -30.74 -26.88
C VAL C 235 -12.71 -29.80 -28.00
N CYS C 236 -13.62 -28.95 -28.49
CA CYS C 236 -13.30 -28.07 -29.60
C CYS C 236 -12.35 -26.96 -29.17
N GLU C 237 -12.78 -26.11 -28.24
CA GLU C 237 -11.98 -24.94 -27.87
C GLU C 237 -10.78 -25.33 -27.01
N VAL C 238 -10.99 -26.19 -26.03
CA VAL C 238 -9.96 -26.45 -25.01
C VAL C 238 -8.96 -27.50 -25.49
N LEU C 239 -9.43 -28.67 -25.92
CA LEU C 239 -8.52 -29.68 -26.46
C LEU C 239 -7.82 -29.18 -27.72
N ASP C 240 -8.57 -28.50 -28.59
CA ASP C 240 -8.02 -27.80 -29.75
C ASP C 240 -7.33 -28.78 -30.71
N PHE C 241 -8.11 -29.75 -31.17
CA PHE C 241 -7.68 -30.62 -32.27
C PHE C 241 -7.93 -29.89 -33.59
N LYS C 242 -7.76 -30.59 -34.71
CA LYS C 242 -8.07 -30.00 -36.00
C LYS C 242 -9.56 -29.70 -36.12
N SER C 243 -10.39 -30.55 -35.53
CA SER C 243 -11.84 -30.36 -35.51
C SER C 243 -12.39 -31.11 -34.31
N ILE C 244 -13.72 -31.30 -34.28
CA ILE C 244 -14.34 -32.05 -33.19
C ILE C 244 -13.85 -33.49 -33.18
N GLU C 245 -13.69 -34.09 -34.36
CA GLU C 245 -13.21 -35.46 -34.46
C GLU C 245 -11.75 -35.55 -34.04
N GLN C 248 -10.54 -38.08 -30.27
CA GLN C 248 -9.55 -38.33 -31.31
C GLN C 248 -8.75 -39.58 -30.99
N LYS C 249 -8.15 -39.60 -29.80
CA LYS C 249 -7.36 -40.74 -29.35
C LYS C 249 -6.94 -40.52 -27.90
N PRO C 250 -6.26 -41.49 -27.27
CA PRO C 250 -5.73 -41.23 -25.93
C PRO C 250 -4.69 -40.13 -25.95
N LEU C 251 -5.02 -38.99 -25.35
CA LEU C 251 -4.24 -37.78 -25.54
C LEU C 251 -2.95 -37.81 -24.74
N THR C 252 -2.03 -36.93 -25.12
CA THR C 252 -0.75 -36.79 -24.44
C THR C 252 -0.93 -35.94 -23.19
N ASP C 253 0.18 -35.53 -22.57
CA ASP C 253 0.11 -34.82 -21.31
C ASP C 253 -0.39 -33.38 -21.50
N SER C 254 0.12 -32.69 -22.52
CA SER C 254 -0.19 -31.27 -22.68
C SER C 254 -1.65 -31.06 -23.07
N GLN C 255 -2.12 -31.80 -24.08
CA GLN C 255 -3.50 -31.67 -24.52
C GLN C 255 -4.47 -32.08 -23.42
N ARG C 256 -4.14 -33.12 -22.65
CA ARG C 256 -4.97 -33.53 -21.52
C ARG C 256 -5.03 -32.43 -20.46
N VAL C 257 -3.85 -31.91 -20.06
CA VAL C 257 -3.78 -30.88 -19.03
C VAL C 257 -4.45 -29.58 -19.48
N LYS C 258 -4.57 -29.36 -20.78
CA LYS C 258 -5.25 -28.15 -21.26
C LYS C 258 -6.71 -28.11 -20.81
N PHE C 259 -7.37 -29.28 -20.76
CA PHE C 259 -8.79 -29.39 -20.43
C PHE C 259 -9.08 -30.28 -19.23
N THR C 260 -8.42 -31.45 -19.14
CA THR C 260 -8.71 -32.38 -18.05
C THR C 260 -8.34 -31.78 -16.70
N LYS C 261 -7.19 -31.12 -16.61
CA LYS C 261 -6.76 -30.54 -15.34
C LYS C 261 -7.57 -29.30 -14.98
N GLU C 262 -7.90 -28.47 -15.96
CA GLU C 262 -8.59 -27.21 -15.68
C GLU C 262 -10.04 -27.45 -15.29
N ILE C 263 -10.69 -28.44 -15.90
CA ILE C 263 -12.13 -28.63 -15.72
C ILE C 263 -12.52 -29.13 -14.33
N LYS C 264 -11.58 -29.62 -13.55
CA LYS C 264 -11.89 -30.21 -12.25
C LYS C 264 -12.40 -29.15 -11.29
N GLY C 265 -13.57 -29.41 -10.68
CA GLY C 265 -14.13 -28.56 -9.65
C GLY C 265 -15.54 -28.06 -9.90
N LEU C 266 -16.04 -28.23 -11.12
CA LEU C 266 -17.32 -27.66 -11.54
C LEU C 266 -18.44 -28.69 -11.47
N LYS C 267 -19.63 -28.22 -11.11
CA LYS C 267 -20.82 -29.05 -11.16
C LYS C 267 -21.25 -29.30 -12.60
N VAL C 268 -21.98 -30.39 -12.82
CA VAL C 268 -22.41 -30.82 -14.14
C VAL C 268 -23.86 -31.25 -14.10
N GLU C 269 -24.47 -31.33 -15.27
CA GLU C 269 -25.85 -31.76 -15.41
C GLU C 269 -26.04 -32.35 -16.81
N ILE C 270 -27.25 -32.83 -17.08
CA ILE C 270 -27.60 -33.39 -18.38
C ILE C 270 -27.99 -32.25 -19.30
N THR C 271 -27.60 -32.36 -20.57
CA THR C 271 -27.91 -31.35 -21.56
C THR C 271 -29.42 -31.27 -21.82
N ARG C 278 -29.70 -34.08 -14.43
CA ARG C 278 -29.17 -34.83 -13.29
C ARG C 278 -27.93 -34.14 -12.72
N LYS C 279 -28.13 -33.36 -11.65
CA LYS C 279 -27.05 -32.60 -11.06
C LYS C 279 -25.98 -33.53 -10.49
N TYR C 280 -24.73 -33.24 -10.82
CA TYR C 280 -23.59 -34.01 -10.35
C TYR C 280 -22.41 -33.08 -10.15
N ARG C 281 -21.35 -33.60 -9.52
CA ARG C 281 -20.14 -32.86 -9.22
C ARG C 281 -18.93 -33.60 -9.76
N VAL C 282 -17.99 -32.86 -10.30
CA VAL C 282 -16.77 -33.43 -10.87
C VAL C 282 -15.76 -33.61 -9.73
N CYS C 283 -15.38 -34.86 -9.47
CA CYS C 283 -14.42 -35.20 -8.43
C CYS C 283 -13.05 -35.58 -8.96
N ASN C 284 -12.95 -36.02 -10.21
CA ASN C 284 -11.66 -36.37 -10.78
C ASN C 284 -11.74 -36.30 -12.30
N VAL C 285 -10.59 -36.11 -12.92
CA VAL C 285 -10.42 -36.17 -14.38
C VAL C 285 -9.27 -37.11 -14.65
N THR C 286 -9.53 -38.18 -15.40
CA THR C 286 -8.58 -39.27 -15.57
C THR C 286 -7.86 -39.16 -16.90
N ARG C 287 -6.54 -39.41 -16.87
CA ARG C 287 -5.78 -39.49 -18.11
C ARG C 287 -6.28 -40.64 -18.96
N ARG C 288 -6.59 -41.77 -18.35
CA ARG C 288 -7.15 -42.90 -19.08
C ARG C 288 -8.53 -42.54 -19.61
N PRO C 289 -8.80 -42.75 -20.90
CA PRO C 289 -10.09 -42.36 -21.46
C PRO C 289 -11.24 -43.21 -20.90
N ALA C 290 -12.46 -42.81 -21.26
CA ALA C 290 -13.63 -43.54 -20.81
C ALA C 290 -13.66 -44.96 -21.36
N SER C 291 -13.11 -45.16 -22.56
CA SER C 291 -12.99 -46.51 -23.10
C SER C 291 -12.09 -47.37 -22.23
N HIS C 292 -10.97 -46.80 -21.76
CA HIS C 292 -10.05 -47.50 -20.88
C HIS C 292 -10.42 -47.39 -19.40
N GLN C 293 -11.19 -46.36 -19.02
CA GLN C 293 -11.60 -46.16 -17.63
C GLN C 293 -12.99 -46.76 -17.40
N TYR C 323 -17.60 -39.56 -27.71
CA TYR C 323 -16.15 -39.53 -27.76
C TYR C 323 -15.55 -40.06 -26.46
N PRO C 324 -15.80 -41.34 -26.18
CA PRO C 324 -15.22 -41.93 -24.96
C PRO C 324 -13.72 -42.15 -25.02
N HIS C 325 -13.12 -42.14 -26.22
CA HIS C 325 -11.69 -42.39 -26.35
C HIS C 325 -10.83 -41.22 -25.88
N LEU C 326 -11.42 -40.05 -25.62
CA LEU C 326 -10.71 -38.92 -25.05
C LEU C 326 -10.70 -39.04 -23.52
N PRO C 327 -9.89 -38.21 -22.85
CA PRO C 327 -9.92 -38.22 -21.38
C PRO C 327 -11.30 -37.84 -20.86
N CYS C 328 -11.71 -38.51 -19.79
CA CYS C 328 -13.07 -38.45 -19.26
C CYS C 328 -13.08 -37.86 -17.86
N LEU C 329 -14.28 -37.56 -17.38
CA LEU C 329 -14.53 -37.01 -16.06
C LEU C 329 -15.18 -38.08 -15.17
N GLN C 330 -14.90 -37.97 -13.87
CA GLN C 330 -15.46 -38.90 -12.89
C GLN C 330 -16.70 -38.30 -12.23
N THR C 338 -18.37 -43.34 -10.60
CA THR C 338 -19.26 -42.81 -11.62
C THR C 338 -18.45 -41.99 -12.63
N TYR C 339 -18.82 -42.13 -13.91
CA TYR C 339 -18.19 -41.39 -14.99
C TYR C 339 -19.26 -40.94 -15.97
N LEU C 340 -18.93 -39.89 -16.73
CA LEU C 340 -19.84 -39.28 -17.68
C LEU C 340 -19.15 -39.07 -19.02
N PRO C 341 -19.88 -39.19 -20.12
CA PRO C 341 -19.30 -38.92 -21.44
C PRO C 341 -19.17 -37.42 -21.69
N LEU C 342 -18.65 -37.09 -22.87
CA LEU C 342 -18.40 -35.71 -23.28
C LEU C 342 -19.39 -35.19 -24.31
N GLU C 343 -20.48 -35.93 -24.60
CA GLU C 343 -21.39 -35.58 -25.67
C GLU C 343 -22.82 -35.29 -25.21
N VAL C 344 -23.19 -35.65 -23.98
CA VAL C 344 -24.56 -35.48 -23.48
C VAL C 344 -24.57 -34.80 -22.11
N CYS C 345 -23.47 -34.15 -21.73
CA CYS C 345 -23.32 -33.53 -20.42
C CYS C 345 -22.94 -32.08 -20.58
N ASN C 346 -23.57 -31.21 -19.79
CA ASN C 346 -23.33 -29.76 -19.80
C ASN C 346 -22.85 -29.32 -18.43
N ILE C 347 -21.74 -28.58 -18.40
CA ILE C 347 -21.24 -28.06 -17.14
C ILE C 347 -22.20 -27.01 -16.61
N VAL C 348 -22.38 -26.99 -15.29
CA VAL C 348 -23.32 -26.06 -14.66
C VAL C 348 -22.75 -24.66 -14.73
N ALA C 349 -23.59 -23.69 -15.10
CA ALA C 349 -23.19 -22.31 -15.23
C ALA C 349 -23.34 -21.57 -13.90
N GLY C 350 -22.80 -20.36 -13.85
CA GLY C 350 -22.89 -19.52 -12.67
C GLY C 350 -21.88 -19.80 -11.59
N GLN C 351 -20.91 -20.69 -11.83
CA GLN C 351 -19.92 -21.06 -10.83
C GLN C 351 -18.67 -20.20 -11.00
N ARG C 352 -18.38 -19.38 -9.99
CA ARG C 352 -17.17 -18.57 -10.02
C ARG C 352 -15.93 -19.42 -9.81
N CYS C 353 -14.81 -18.95 -10.34
CA CYS C 353 -13.53 -19.66 -10.22
C CYS C 353 -13.00 -19.46 -8.80
N ILE C 354 -13.34 -20.40 -7.92
CA ILE C 354 -12.95 -20.26 -6.52
C ILE C 354 -11.45 -20.47 -6.34
N LYS C 355 -10.88 -21.45 -7.06
CA LYS C 355 -9.52 -21.87 -6.78
C LYS C 355 -8.50 -20.84 -7.24
N LYS C 356 -7.40 -20.74 -6.50
CA LYS C 356 -6.26 -19.94 -6.92
C LYS C 356 -5.55 -20.66 -8.05
N LEU C 357 -5.19 -19.92 -9.10
CA LEU C 357 -4.75 -20.49 -10.36
C LEU C 357 -3.23 -20.52 -10.43
N THR C 358 -2.73 -21.06 -11.54
CA THR C 358 -1.29 -21.20 -11.74
C THR C 358 -0.65 -19.85 -12.05
N ASP C 359 0.67 -19.85 -12.14
CA ASP C 359 1.41 -18.61 -12.42
C ASP C 359 1.12 -18.10 -13.82
N ASN C 360 0.94 -18.98 -14.80
CA ASN C 360 0.68 -18.55 -16.17
C ASN C 360 -0.67 -17.87 -16.32
N GLN C 361 -1.64 -18.18 -15.45
CA GLN C 361 -2.97 -17.59 -15.52
C GLN C 361 -3.09 -16.28 -14.75
N THR C 362 -2.02 -15.84 -14.07
CA THR C 362 -2.09 -14.57 -13.35
C THR C 362 -2.09 -13.39 -14.31
N SER C 363 -1.38 -13.50 -15.43
CA SER C 363 -1.30 -12.47 -16.44
C SER C 363 -2.29 -12.66 -17.59
N THR C 364 -2.99 -13.80 -17.65
CA THR C 364 -3.95 -14.02 -18.72
C THR C 364 -5.12 -13.06 -18.61
N MET C 365 -5.53 -12.71 -17.39
CA MET C 365 -6.57 -11.71 -17.19
C MET C 365 -6.05 -10.29 -17.34
N ILE C 366 -4.78 -10.06 -17.02
CA ILE C 366 -4.19 -8.73 -17.21
C ILE C 366 -3.98 -8.42 -18.69
N ARG C 367 -3.96 -9.44 -19.55
CA ARG C 367 -3.85 -9.20 -20.99
C ARG C 367 -5.04 -8.37 -21.50
N ALA C 368 -6.24 -8.62 -20.94
CA ALA C 368 -7.47 -7.96 -21.35
C ALA C 368 -8.06 -7.05 -20.28
N THR C 369 -7.37 -6.84 -19.15
CA THR C 369 -7.90 -6.07 -18.03
C THR C 369 -6.93 -5.02 -17.48
N ALA C 370 -5.76 -4.84 -18.09
CA ALA C 370 -4.85 -3.79 -17.66
C ALA C 370 -5.46 -2.44 -18.03
N ARG C 371 -5.84 -1.66 -17.01
CA ARG C 371 -6.58 -0.43 -17.20
C ARG C 371 -6.04 0.65 -16.27
N SER C 372 -6.25 1.91 -16.67
CA SER C 372 -5.74 3.08 -15.98
C SER C 372 -6.84 3.73 -15.14
N ALA C 373 -6.55 4.91 -14.61
CA ALA C 373 -7.52 5.63 -13.78
C ALA C 373 -8.81 5.98 -14.52
N PRO C 374 -8.80 6.56 -15.73
CA PRO C 374 -10.09 6.81 -16.41
C PRO C 374 -10.88 5.56 -16.69
N ASP C 375 -10.20 4.42 -16.92
CA ASP C 375 -10.86 3.14 -17.10
C ASP C 375 -11.30 2.50 -15.77
N ARG C 376 -11.27 3.25 -14.67
CA ARG C 376 -11.96 2.90 -13.43
C ARG C 376 -13.09 3.87 -13.12
N GLN C 377 -12.86 5.17 -13.28
CA GLN C 377 -13.92 6.15 -13.10
C GLN C 377 -15.06 5.92 -14.09
N GLU C 378 -14.72 5.74 -15.37
CA GLU C 378 -15.75 5.52 -16.37
C GLU C 378 -16.51 4.24 -16.11
N GLU C 379 -15.81 3.18 -15.73
CA GLU C 379 -16.48 1.90 -15.46
C GLU C 379 -17.39 1.99 -14.25
N ILE C 380 -16.95 2.67 -13.19
CA ILE C 380 -17.81 2.84 -12.02
C ILE C 380 -19.04 3.66 -12.37
N SER C 381 -18.86 4.75 -13.12
CA SER C 381 -19.98 5.59 -13.50
C SER C 381 -20.98 4.82 -14.36
N LYS C 382 -20.49 3.98 -15.27
CA LYS C 382 -21.38 3.16 -16.08
C LYS C 382 -22.13 2.14 -15.23
N LEU C 383 -21.41 1.41 -14.38
CA LEU C 383 -22.01 0.25 -13.72
C LEU C 383 -22.95 0.68 -12.60
N MET C 384 -22.62 1.73 -11.85
CA MET C 384 -23.52 2.18 -10.79
C MET C 384 -24.85 2.68 -11.37
N ARG C 385 -24.78 3.40 -12.49
CA ARG C 385 -26.02 3.83 -13.15
C ARG C 385 -26.76 2.65 -13.77
N SER C 386 -26.03 1.65 -14.27
CA SER C 386 -26.69 0.46 -14.83
C SER C 386 -27.40 -0.33 -13.75
N ALA C 387 -26.89 -0.33 -12.52
CA ALA C 387 -27.55 -1.04 -11.43
C ALA C 387 -28.93 -0.46 -11.16
N SER C 388 -29.01 0.85 -10.97
CA SER C 388 -30.28 1.57 -10.80
C SER C 388 -31.06 1.04 -9.59
N PHE C 389 -30.46 1.20 -8.41
CA PHE C 389 -31.11 0.75 -7.18
C PHE C 389 -32.37 1.54 -6.88
N ASN C 390 -32.39 2.83 -7.24
CA ASN C 390 -33.54 3.67 -6.91
C ASN C 390 -34.81 3.25 -7.62
N THR C 391 -34.71 2.50 -8.73
CA THR C 391 -35.89 2.18 -9.53
C THR C 391 -36.68 1.00 -8.98
N ASP C 392 -36.04 0.10 -8.22
CA ASP C 392 -36.69 -1.15 -7.80
C ASP C 392 -37.38 -0.95 -6.45
N PRO C 393 -38.68 -1.27 -6.31
CA PRO C 393 -39.28 -1.22 -4.96
C PRO C 393 -38.64 -2.15 -3.95
N TYR C 394 -38.02 -3.24 -4.39
CA TYR C 394 -37.49 -4.24 -3.47
C TYR C 394 -36.36 -3.70 -2.60
N VAL C 395 -35.67 -2.64 -3.04
CA VAL C 395 -34.66 -1.96 -2.23
C VAL C 395 -35.09 -0.57 -1.79
N ARG C 396 -36.16 -0.01 -2.36
CA ARG C 396 -36.78 1.20 -1.86
C ARG C 396 -37.76 0.95 -0.71
N GLU C 397 -37.82 -0.29 -0.19
CA GLU C 397 -38.68 -0.58 0.96
C GLU C 397 -38.28 0.26 2.17
N PHE C 398 -36.98 0.40 2.41
CA PHE C 398 -36.49 1.23 3.49
C PHE C 398 -36.48 2.72 3.16
N GLY C 399 -36.67 3.09 1.90
CA GLY C 399 -36.68 4.48 1.50
C GLY C 399 -35.31 5.10 1.29
N ILE C 400 -34.24 4.33 1.38
CA ILE C 400 -32.90 4.88 1.21
C ILE C 400 -32.66 5.17 -0.28
N MET C 401 -32.19 6.38 -0.57
CA MET C 401 -31.91 6.83 -1.93
C MET C 401 -30.46 7.28 -2.01
N VAL C 402 -29.79 6.90 -3.11
CA VAL C 402 -28.40 7.24 -3.37
C VAL C 402 -28.34 7.94 -4.72
N LYS C 403 -27.67 9.09 -4.77
CA LYS C 403 -27.59 9.86 -6.01
C LYS C 403 -26.75 9.12 -7.05
N ASP C 404 -27.14 9.30 -8.32
CA ASP C 404 -26.46 8.59 -9.40
C ASP C 404 -25.03 9.10 -9.59
N GLU C 405 -24.85 10.42 -9.61
CA GLU C 405 -23.53 11.00 -9.83
C GLU C 405 -22.67 10.85 -8.58
N MET C 406 -21.37 10.66 -8.80
CA MET C 406 -20.42 10.51 -7.71
C MET C 406 -20.02 11.89 -7.16
N THR C 407 -19.28 11.88 -6.05
CA THR C 407 -19.13 13.11 -5.27
C THR C 407 -18.22 14.11 -5.97
N ASP C 408 -18.60 15.38 -5.93
CA ASP C 408 -17.84 16.48 -6.51
C ASP C 408 -17.10 17.23 -5.40
N VAL C 409 -15.81 17.52 -5.64
CA VAL C 409 -14.95 18.19 -4.68
C VAL C 409 -14.16 19.25 -5.43
N THR C 410 -13.65 20.22 -4.68
CA THR C 410 -12.76 21.26 -5.20
C THR C 410 -11.39 21.06 -4.58
N GLY C 411 -10.37 20.87 -5.42
CA GLY C 411 -9.01 20.63 -4.98
C GLY C 411 -8.09 21.78 -5.32
N ARG C 412 -6.91 21.80 -4.67
CA ARG C 412 -5.95 22.88 -4.77
C ARG C 412 -4.57 22.32 -5.01
N VAL C 413 -3.82 22.96 -5.91
CA VAL C 413 -2.47 22.55 -6.27
C VAL C 413 -1.49 23.40 -5.48
N LEU C 414 -0.72 22.75 -4.60
CA LEU C 414 0.32 23.43 -3.85
C LEU C 414 1.52 23.70 -4.74
N GLN C 415 2.10 24.89 -4.60
CA GLN C 415 3.25 25.24 -5.42
C GLN C 415 4.47 24.41 -5.00
N PRO C 416 5.34 24.02 -5.93
CA PRO C 416 6.50 23.20 -5.56
C PRO C 416 7.65 24.06 -5.09
N PRO C 417 8.57 23.54 -4.27
CA PRO C 417 9.72 24.35 -3.86
C PRO C 417 10.80 24.35 -4.94
N SER C 418 11.36 25.53 -5.20
CA SER C 418 12.50 25.62 -6.10
C SER C 418 13.72 24.99 -5.44
N ILE C 419 14.36 24.05 -6.12
CA ILE C 419 15.48 23.30 -5.60
C ILE C 419 16.75 23.96 -6.11
N LEU C 420 17.61 24.39 -5.18
CA LEU C 420 18.82 25.14 -5.49
C LEU C 420 20.02 24.22 -5.46
N TYR C 421 20.78 24.20 -6.55
CA TYR C 421 22.03 23.46 -6.68
C TYR C 421 23.21 24.42 -6.59
N GLY C 422 24.39 23.86 -6.35
CA GLY C 422 25.61 24.64 -6.28
C GLY C 422 25.94 25.33 -7.59
N ALA C 427 22.21 26.33 -9.48
CA ALA C 427 21.21 26.17 -10.53
C ALA C 427 19.85 25.84 -9.92
N ILE C 428 18.82 26.58 -10.32
CA ILE C 428 17.50 26.49 -9.71
C ILE C 428 16.62 25.62 -10.59
N ALA C 429 16.00 24.61 -9.98
CA ALA C 429 15.18 23.62 -10.67
C ALA C 429 13.76 23.67 -10.11
N THR C 430 12.78 23.58 -11.02
CA THR C 430 11.38 23.56 -10.67
C THR C 430 10.88 22.12 -10.69
N PRO C 431 10.40 21.53 -9.59
CA PRO C 431 9.84 20.18 -9.70
C PRO C 431 8.54 20.16 -10.50
N VAL C 432 8.67 20.25 -11.82
CA VAL C 432 7.52 20.27 -12.71
C VAL C 432 6.96 18.85 -12.81
N GLN C 433 5.69 18.70 -12.45
CA GLN C 433 5.01 17.40 -12.45
C GLN C 433 5.71 16.40 -11.52
N GLY C 434 6.33 16.89 -10.46
CA GLY C 434 7.03 16.03 -9.52
C GLY C 434 8.28 15.38 -10.08
N VAL C 435 8.87 15.95 -11.13
CA VAL C 435 10.08 15.41 -11.75
C VAL C 435 11.00 16.56 -12.11
N TRP C 436 12.29 16.39 -11.83
CA TRP C 436 13.33 17.26 -12.35
C TRP C 436 14.57 16.40 -12.62
N ASP C 437 15.59 17.02 -13.20
CA ASP C 437 16.73 16.30 -13.76
C ASP C 437 18.03 16.99 -13.35
N MET C 438 19.12 16.23 -13.43
CA MET C 438 20.46 16.71 -13.11
C MET C 438 21.18 17.28 -14.33
N ARG C 439 20.46 17.61 -15.40
CA ARG C 439 21.10 18.13 -16.60
C ARG C 439 21.70 19.51 -16.33
N ASN C 440 23.03 19.62 -16.46
CA ASN C 440 23.75 20.88 -16.24
C ASN C 440 23.54 21.40 -14.82
N LYS C 441 23.58 20.49 -13.84
CA LYS C 441 23.44 20.81 -12.43
C LYS C 441 24.43 19.98 -11.63
N GLN C 442 25.07 20.62 -10.65
CA GLN C 442 26.10 20.00 -9.83
C GLN C 442 25.73 20.12 -8.36
N PHE C 443 26.35 19.28 -7.53
CA PHE C 443 25.99 19.22 -6.13
C PHE C 443 26.36 20.51 -5.40
N HIS C 444 25.63 20.78 -4.31
CA HIS C 444 25.83 22.01 -3.56
C HIS C 444 27.23 22.05 -2.94
N THR C 445 27.66 20.94 -2.34
CA THR C 445 29.02 20.81 -1.78
C THR C 445 29.54 19.43 -2.20
N GLY C 446 30.22 19.40 -3.34
CA GLY C 446 30.78 18.15 -3.82
C GLY C 446 32.00 17.72 -3.03
N ILE C 447 32.34 16.45 -3.18
CA ILE C 447 33.48 15.82 -2.51
C ILE C 447 34.47 15.38 -3.58
N GLU C 448 35.73 15.79 -3.43
CA GLU C 448 36.78 15.41 -4.37
C GLU C 448 37.26 14.01 -4.01
N ILE C 449 36.95 13.04 -4.86
CA ILE C 449 37.34 11.65 -4.64
C ILE C 449 38.72 11.45 -5.23
N LYS C 450 39.69 11.12 -4.37
CA LYS C 450 41.08 10.97 -4.76
C LYS C 450 41.52 9.50 -4.70
N VAL C 451 41.34 8.85 -3.56
CA VAL C 451 41.70 7.45 -3.36
C VAL C 451 40.40 6.67 -3.27
N TRP C 452 40.22 5.72 -4.19
CA TRP C 452 39.00 4.93 -4.27
C TRP C 452 39.32 3.58 -4.89
N ALA C 453 38.48 2.59 -4.58
CA ALA C 453 38.75 1.19 -4.89
C ALA C 453 37.49 0.52 -5.40
N ILE C 454 37.69 -0.65 -6.02
CA ILE C 454 36.61 -1.48 -6.54
C ILE C 454 36.83 -2.90 -6.02
N ALA C 455 35.75 -3.52 -5.53
CA ALA C 455 35.76 -4.91 -5.05
C ALA C 455 34.74 -5.68 -5.88
N CYS C 456 35.21 -6.37 -6.91
CA CYS C 456 34.34 -7.08 -7.85
C CYS C 456 34.14 -8.51 -7.38
N PHE C 457 32.89 -8.99 -7.44
CA PHE C 457 32.54 -10.36 -7.11
C PHE C 457 31.82 -11.09 -8.24
N ALA C 458 31.57 -10.45 -9.38
CA ALA C 458 31.00 -11.14 -10.51
C ALA C 458 32.03 -12.11 -11.10
N PRO C 459 31.59 -13.08 -11.90
CA PRO C 459 32.57 -13.95 -12.58
C PRO C 459 33.48 -13.15 -13.50
N GLN C 460 34.75 -13.52 -13.52
CA GLN C 460 35.72 -12.78 -14.31
C GLN C 460 35.44 -12.88 -15.79
N ARG C 461 35.03 -14.07 -16.26
CA ARG C 461 34.69 -14.21 -17.67
C ARG C 461 33.43 -13.43 -18.02
N GLN C 462 32.46 -13.39 -17.11
CA GLN C 462 31.25 -12.60 -17.33
C GLN C 462 31.49 -11.11 -17.09
N CYS C 463 32.39 -10.76 -16.18
CA CYS C 463 32.76 -9.37 -15.88
C CYS C 463 34.28 -9.28 -15.95
N THR C 464 34.80 -9.03 -17.14
CA THR C 464 36.23 -8.97 -17.36
C THR C 464 36.79 -7.63 -16.90
N GLU C 465 38.11 -7.50 -16.97
CA GLU C 465 38.76 -6.26 -16.57
C GLU C 465 38.39 -5.10 -17.48
N VAL C 466 38.11 -5.38 -18.76
CA VAL C 466 37.68 -4.32 -19.67
C VAL C 466 36.31 -3.80 -19.28
N HIS C 467 35.43 -4.68 -18.78
CA HIS C 467 34.13 -4.22 -18.28
C HIS C 467 34.30 -3.30 -17.08
N LEU C 468 35.20 -3.66 -16.16
CA LEU C 468 35.47 -2.79 -15.03
C LEU C 468 36.08 -1.46 -15.49
N LYS C 469 36.92 -1.51 -16.53
CA LYS C 469 37.49 -0.28 -17.08
C LYS C 469 36.41 0.61 -17.65
N SER C 470 35.47 0.05 -18.40
CA SER C 470 34.38 0.83 -18.97
C SER C 470 33.50 1.41 -17.86
N PHE C 471 33.18 0.60 -16.85
CA PHE C 471 32.37 1.09 -15.73
C PHE C 471 33.09 2.21 -14.99
N THR C 472 34.40 2.07 -14.79
CA THR C 472 35.18 3.12 -14.16
C THR C 472 35.15 4.39 -15.01
N GLU C 473 35.28 4.26 -16.33
CA GLU C 473 35.28 5.43 -17.20
C GLU C 473 33.94 6.17 -17.12
N GLN C 474 32.84 5.43 -17.21
CA GLN C 474 31.53 6.08 -17.15
C GLN C 474 31.27 6.69 -15.77
N LEU C 475 31.67 5.98 -14.71
CA LEU C 475 31.48 6.52 -13.36
C LEU C 475 32.29 7.79 -13.16
N ARG C 476 33.54 7.81 -13.63
CA ARG C 476 34.36 9.01 -13.53
C ARG C 476 33.75 10.15 -14.32
N LYS C 477 33.25 9.87 -15.53
CA LYS C 477 32.64 10.92 -16.36
C LYS C 477 31.41 11.51 -15.67
N ILE C 478 30.53 10.66 -15.14
CA ILE C 478 29.31 11.13 -14.52
C ILE C 478 29.62 11.89 -13.23
N SER C 479 30.59 11.41 -12.45
CA SER C 479 30.95 12.10 -11.22
C SER C 479 31.60 13.45 -11.51
N ARG C 480 32.41 13.52 -12.56
CA ARG C 480 33.00 14.79 -12.96
C ARG C 480 31.92 15.77 -13.40
N ASP C 481 30.94 15.30 -14.18
CA ASP C 481 29.88 16.17 -14.64
C ASP C 481 28.98 16.64 -13.50
N ALA C 482 28.92 15.90 -12.39
CA ALA C 482 28.04 16.21 -11.27
C ALA C 482 28.72 17.03 -10.19
N GLY C 483 29.94 17.54 -10.43
CA GLY C 483 30.64 18.31 -9.42
C GLY C 483 31.26 17.49 -8.31
N MET C 484 31.48 16.20 -8.53
CA MET C 484 32.10 15.29 -7.57
C MET C 484 33.27 14.62 -8.28
N PRO C 485 34.35 15.36 -8.57
CA PRO C 485 35.38 14.84 -9.48
C PRO C 485 36.15 13.66 -8.92
N ILE C 486 35.96 12.49 -9.54
CA ILE C 486 36.79 11.33 -9.27
C ILE C 486 38.07 11.45 -10.08
N GLN C 487 39.21 11.37 -9.40
CA GLN C 487 40.52 11.65 -9.98
C GLN C 487 41.28 10.35 -10.18
N GLY C 488 41.72 10.10 -11.41
CA GLY C 488 42.63 9.01 -11.69
C GLY C 488 41.94 7.65 -11.65
N GLN C 489 42.76 6.62 -11.86
CA GLN C 489 42.29 5.25 -11.83
C GLN C 489 42.00 4.83 -10.39
N PRO C 490 41.21 3.77 -10.19
CA PRO C 490 41.08 3.22 -8.83
C PRO C 490 42.41 2.72 -8.32
N CYS C 491 42.64 2.92 -7.02
CA CYS C 491 43.90 2.53 -6.41
C CYS C 491 43.98 1.04 -6.09
N PHE C 492 42.91 0.28 -6.30
CA PHE C 492 42.86 -1.10 -5.86
C PHE C 492 41.74 -1.81 -6.61
N CYS C 493 42.01 -3.04 -7.03
CA CYS C 493 41.02 -3.84 -7.74
C CYS C 493 41.38 -5.31 -7.59
N LYS C 494 40.44 -6.12 -7.11
CA LYS C 494 40.66 -7.55 -6.95
C LYS C 494 39.33 -8.29 -7.14
N TYR C 495 39.43 -9.48 -7.73
CA TYR C 495 38.30 -10.40 -7.81
C TYR C 495 38.30 -11.30 -6.59
N ALA C 496 37.11 -11.61 -6.09
CA ALA C 496 36.98 -12.44 -4.91
C ALA C 496 35.65 -13.18 -4.95
N GLN C 497 35.58 -14.26 -4.19
CA GLN C 497 34.37 -15.08 -4.06
C GLN C 497 34.20 -15.49 -2.61
N GLY C 498 32.97 -15.85 -2.26
CA GLY C 498 32.65 -16.19 -0.89
C GLY C 498 32.23 -14.98 -0.09
N ALA C 499 31.26 -15.15 0.80
CA ALA C 499 30.75 -14.01 1.57
C ALA C 499 31.78 -13.49 2.56
N ASP C 500 32.58 -14.38 3.15
CA ASP C 500 33.54 -13.97 4.17
C ASP C 500 34.74 -13.23 3.62
N SER C 501 34.92 -13.19 2.29
CA SER C 501 36.09 -12.53 1.70
C SER C 501 36.02 -11.01 1.73
N VAL C 502 34.85 -10.43 2.02
CA VAL C 502 34.73 -8.97 2.01
C VAL C 502 35.51 -8.37 3.19
N GLU C 503 35.39 -8.99 4.36
CA GLU C 503 35.96 -8.40 5.58
C GLU C 503 37.47 -8.22 5.54
N PRO C 504 38.30 -9.23 5.17
CA PRO C 504 39.75 -9.00 5.18
C PRO C 504 40.21 -7.97 4.16
N MET C 505 39.75 -8.10 2.90
CA MET C 505 40.17 -7.20 1.83
C MET C 505 39.93 -5.74 2.20
N PHE C 506 38.71 -5.43 2.64
CA PHE C 506 38.38 -4.07 3.07
C PHE C 506 39.30 -3.63 4.20
N ARG C 507 39.53 -4.51 5.18
CA ARG C 507 40.48 -4.18 6.24
C ARG C 507 41.85 -3.89 5.65
N HIS C 508 42.31 -4.78 4.76
CA HIS C 508 43.60 -4.56 4.09
C HIS C 508 43.59 -3.26 3.31
N LEU C 509 42.45 -2.93 2.70
CA LEU C 509 42.33 -1.65 2.00
C LEU C 509 42.59 -0.50 2.96
N LYS C 510 41.88 -0.49 4.09
CA LYS C 510 42.10 0.59 5.04
C LYS C 510 43.45 0.46 5.74
N ASN C 511 44.12 -0.69 5.63
CA ASN C 511 45.49 -0.81 6.12
C ASN C 511 46.51 -0.36 5.07
N THR C 512 46.20 -0.49 3.78
CA THR C 512 47.19 -0.29 2.74
C THR C 512 47.07 1.04 2.02
N TYR C 513 45.90 1.69 2.08
CA TYR C 513 45.68 3.02 1.53
C TYR C 513 45.02 3.90 2.58
N ALA C 514 45.63 5.04 2.87
CA ALA C 514 45.07 6.02 3.78
C ALA C 514 44.19 7.00 3.01
N GLY C 515 43.15 7.49 3.68
CA GLY C 515 42.24 8.41 3.04
C GLY C 515 41.31 7.78 2.02
N LEU C 516 41.05 6.48 2.13
CA LEU C 516 40.17 5.79 1.19
C LEU C 516 38.76 6.31 1.37
N GLN C 517 38.29 7.08 0.39
CA GLN C 517 36.96 7.70 0.47
C GLN C 517 35.87 6.74 0.03
N LEU C 518 35.92 6.30 -1.23
CA LEU C 518 34.89 5.48 -1.85
C LEU C 518 35.38 4.05 -1.99
N VAL C 519 34.47 3.10 -1.78
CA VAL C 519 34.76 1.67 -1.96
C VAL C 519 33.61 1.10 -2.77
N VAL C 520 33.78 1.04 -4.09
CA VAL C 520 32.75 0.50 -4.97
C VAL C 520 32.77 -1.03 -4.87
N VAL C 521 31.60 -1.63 -5.01
CA VAL C 521 31.42 -3.08 -4.94
C VAL C 521 30.50 -3.49 -6.08
N ILE C 522 30.77 -4.66 -6.66
CA ILE C 522 29.99 -5.21 -7.78
C ILE C 522 29.56 -6.62 -7.39
N LEU C 523 28.24 -6.87 -7.43
CA LEU C 523 27.64 -8.13 -7.02
C LEU C 523 26.63 -8.60 -8.07
N PRO C 524 26.56 -9.91 -8.40
CA PRO C 524 25.51 -10.38 -9.32
C PRO C 524 24.24 -10.82 -8.59
N GLY C 525 23.10 -10.29 -9.01
CA GLY C 525 21.82 -10.77 -8.51
C GLY C 525 21.61 -10.48 -7.03
N LYS C 526 20.71 -11.26 -6.44
CA LYS C 526 20.35 -11.12 -5.02
C LYS C 526 21.22 -12.01 -4.15
N THR C 527 22.54 -11.88 -4.30
CA THR C 527 23.47 -12.69 -3.52
C THR C 527 23.49 -12.18 -2.07
N PRO C 528 23.62 -13.08 -1.07
CA PRO C 528 23.57 -12.60 0.33
C PRO C 528 24.74 -11.73 0.73
N VAL C 529 25.90 -11.83 0.04
CA VAL C 529 27.11 -11.12 0.45
C VAL C 529 26.92 -9.61 0.51
N TYR C 530 25.93 -9.08 -0.23
CA TYR C 530 25.57 -7.66 -0.14
C TYR C 530 25.37 -7.23 1.30
N ALA C 531 24.60 -8.01 2.07
CA ALA C 531 24.40 -7.70 3.48
C ALA C 531 25.74 -7.65 4.21
N GLU C 532 26.57 -8.67 3.98
CA GLU C 532 27.89 -8.71 4.60
C GLU C 532 28.70 -7.48 4.23
N VAL C 533 28.58 -7.01 2.99
CA VAL C 533 29.32 -5.84 2.55
C VAL C 533 28.94 -4.64 3.41
N LYS C 534 27.63 -4.42 3.59
CA LYS C 534 27.22 -3.31 4.43
C LYS C 534 27.58 -3.56 5.87
N ARG C 535 27.59 -4.83 6.30
CA ARG C 535 28.02 -5.12 7.66
C ARG C 535 29.48 -4.76 7.87
N VAL C 536 30.29 -4.84 6.81
CA VAL C 536 31.65 -4.34 6.88
C VAL C 536 31.69 -2.84 6.58
N GLY C 537 30.75 -2.35 5.77
CA GLY C 537 30.88 -0.99 5.27
C GLY C 537 30.67 0.06 6.33
N ASP C 538 29.58 -0.05 7.10
CA ASP C 538 29.13 1.00 8.00
C ASP C 538 29.39 0.69 9.47
N THR C 539 29.16 -0.56 9.90
CA THR C 539 29.13 -0.84 11.32
C THR C 539 30.52 -0.79 11.95
N VAL C 540 31.53 -1.40 11.32
CA VAL C 540 32.78 -1.75 11.98
C VAL C 540 33.96 -0.98 11.39
N LEU C 541 34.11 -0.99 10.06
CA LEU C 541 35.25 -0.33 9.42
C LEU C 541 35.00 1.13 9.12
N GLY C 542 33.74 1.50 8.83
CA GLY C 542 33.42 2.87 8.54
C GLY C 542 33.96 3.36 7.21
N MET C 543 33.42 2.82 6.12
CA MET C 543 33.79 3.23 4.78
C MET C 543 32.53 3.34 3.93
N ALA C 544 32.58 4.21 2.92
CA ALA C 544 31.43 4.47 2.05
C ALA C 544 31.34 3.36 1.01
N THR C 545 30.78 2.23 1.44
CA THR C 545 30.60 1.08 0.56
C THR C 545 29.38 1.32 -0.34
N GLN C 546 29.59 1.23 -1.65
CA GLN C 546 28.54 1.37 -2.66
C GLN C 546 28.50 0.09 -3.49
N CYS C 547 27.29 -0.42 -3.72
CA CYS C 547 27.08 -1.69 -4.41
C CYS C 547 26.22 -1.47 -5.65
N VAL C 548 26.50 -2.26 -6.68
CA VAL C 548 25.84 -2.13 -7.98
C VAL C 548 25.76 -3.51 -8.63
N GLN C 549 24.69 -3.72 -9.39
CA GLN C 549 24.44 -5.02 -9.99
C GLN C 549 25.45 -5.33 -11.09
N MET C 550 25.58 -6.63 -11.39
CA MET C 550 26.40 -7.05 -12.52
C MET C 550 25.80 -6.57 -13.84
N LYS C 551 24.46 -6.61 -13.95
CA LYS C 551 23.82 -6.21 -15.19
C LYS C 551 24.01 -4.71 -15.45
N ASN C 552 23.97 -3.90 -14.40
CA ASN C 552 24.21 -2.47 -14.56
C ASN C 552 25.64 -2.20 -15.02
N VAL C 553 26.61 -2.95 -14.49
CA VAL C 553 28.00 -2.82 -14.94
C VAL C 553 28.11 -3.22 -16.41
N GLN C 554 27.46 -4.32 -16.78
CA GLN C 554 27.45 -4.75 -18.18
C GLN C 554 26.65 -3.79 -19.05
N ARG C 555 25.62 -3.15 -18.47
CA ARG C 555 24.68 -2.29 -19.20
C ARG C 555 24.59 -0.93 -18.55
N THR C 556 25.76 -0.30 -18.32
CA THR C 556 25.80 1.05 -17.76
C THR C 556 25.06 2.02 -18.67
N THR C 557 24.29 2.91 -18.05
CA THR C 557 23.54 3.96 -18.72
C THR C 557 23.75 5.26 -17.96
N PRO C 558 23.52 6.42 -18.59
CA PRO C 558 23.69 7.68 -17.85
C PRO C 558 22.79 7.82 -16.64
N GLN C 559 21.54 7.36 -16.74
CA GLN C 559 20.59 7.52 -15.63
C GLN C 559 21.02 6.71 -14.41
N THR C 560 21.44 5.45 -14.64
CA THR C 560 21.81 4.59 -13.53
C THR C 560 23.01 5.13 -12.76
N LEU C 561 24.07 5.50 -13.49
CA LEU C 561 25.26 6.01 -12.82
C LEU C 561 25.02 7.40 -12.25
N SER C 562 24.16 8.21 -12.86
CA SER C 562 23.79 9.49 -12.26
C SER C 562 23.11 9.29 -10.92
N ASN C 563 22.13 8.39 -10.86
CA ASN C 563 21.45 8.11 -9.61
C ASN C 563 22.38 7.47 -8.59
N LEU C 564 23.39 6.72 -9.06
CA LEU C 564 24.35 6.12 -8.14
C LEU C 564 25.30 7.17 -7.57
N CYS C 565 25.75 8.10 -8.41
CA CYS C 565 26.58 9.20 -7.92
C CYS C 565 25.82 10.10 -6.97
N LEU C 566 24.50 10.24 -7.18
CA LEU C 566 23.69 11.06 -6.28
C LEU C 566 23.73 10.56 -4.85
N LYS C 567 23.87 9.24 -4.65
CA LYS C 567 24.00 8.68 -3.31
C LYS C 567 25.45 8.50 -2.88
N ILE C 568 26.38 8.34 -3.82
CA ILE C 568 27.79 8.32 -3.45
C ILE C 568 28.20 9.67 -2.85
N ASN C 569 27.64 10.76 -3.38
CA ASN C 569 28.02 12.08 -2.89
C ASN C 569 27.59 12.27 -1.43
N VAL C 570 26.34 11.94 -1.10
CA VAL C 570 25.90 12.08 0.27
C VAL C 570 26.50 11.03 1.18
N LYS C 571 26.94 9.89 0.62
CA LYS C 571 27.65 8.91 1.44
C LYS C 571 29.00 9.45 1.91
N LEU C 572 29.61 10.35 1.13
CA LEU C 572 30.88 10.98 1.48
C LEU C 572 30.69 12.30 2.22
N GLY C 573 29.50 12.56 2.76
CA GLY C 573 29.26 13.77 3.52
C GLY C 573 28.90 15.00 2.71
N GLY C 574 28.78 14.87 1.39
CA GLY C 574 28.43 16.01 0.56
C GLY C 574 26.96 16.38 0.67
N VAL C 575 26.63 17.52 0.08
CA VAL C 575 25.26 18.03 0.04
C VAL C 575 24.85 18.16 -1.43
N ASN C 576 23.76 17.49 -1.80
CA ASN C 576 23.33 17.47 -3.19
C ASN C 576 22.64 18.77 -3.57
N ASN C 577 21.61 19.14 -2.83
CA ASN C 577 20.81 20.32 -3.15
C ASN C 577 20.11 20.81 -1.89
N ILE C 578 19.52 22.00 -1.99
CA ILE C 578 18.89 22.67 -0.87
C ILE C 578 17.64 23.38 -1.35
N LEU C 579 16.64 23.47 -0.47
CA LEU C 579 15.46 24.26 -0.76
C LEU C 579 15.84 25.73 -0.89
N LEU C 580 15.16 26.43 -1.80
CA LEU C 580 15.45 27.84 -2.00
C LEU C 580 15.10 28.61 -0.73
N PRO C 581 15.97 29.50 -0.22
CA PRO C 581 15.66 30.10 1.09
C PRO C 581 14.46 31.02 1.07
N GLN C 582 14.32 31.86 0.06
CA GLN C 582 13.27 32.87 0.05
C GLN C 582 11.88 32.30 -0.26
N GLY C 583 11.80 31.12 -0.85
CA GLY C 583 10.54 30.53 -1.26
C GLY C 583 9.84 29.70 -0.20
N ARG C 584 10.24 29.81 1.07
CA ARG C 584 9.72 29.01 2.17
C ARG C 584 8.83 29.86 3.08
N PRO C 585 7.88 29.27 3.81
CA PRO C 585 6.96 30.08 4.62
C PRO C 585 7.63 30.56 5.90
N PRO C 586 6.93 31.34 6.74
CA PRO C 586 7.56 31.87 7.96
C PRO C 586 8.04 30.82 8.95
N VAL C 587 7.63 29.55 8.83
CA VAL C 587 8.12 28.53 9.75
C VAL C 587 9.63 28.36 9.64
N PHE C 588 10.20 28.63 8.45
CA PHE C 588 11.64 28.51 8.24
C PHE C 588 12.42 29.74 8.66
N GLN C 589 11.76 30.84 9.03
CA GLN C 589 12.45 32.08 9.36
C GLN C 589 13.00 32.10 10.79
N GLN C 590 13.01 30.96 11.50
CA GLN C 590 13.64 30.82 12.79
C GLN C 590 14.35 29.46 12.83
N PRO C 591 15.26 29.22 13.79
CA PRO C 591 15.86 27.89 13.89
C PRO C 591 14.81 26.82 14.17
N VAL C 592 14.86 25.75 13.38
CA VAL C 592 13.84 24.70 13.40
C VAL C 592 14.49 23.38 13.01
N ILE C 593 14.02 22.29 13.62
CA ILE C 593 14.46 20.94 13.30
C ILE C 593 13.25 20.14 12.88
N PHE C 594 13.35 19.44 11.75
CA PHE C 594 12.25 18.70 11.14
C PHE C 594 12.50 17.21 11.36
N LEU C 595 12.05 16.72 12.52
CA LEU C 595 12.14 15.30 12.81
C LEU C 595 11.21 14.49 11.92
N GLY C 596 11.59 13.25 11.69
CA GLY C 596 10.73 12.29 11.03
C GLY C 596 11.03 10.92 11.59
N ALA C 597 10.10 10.00 11.41
CA ALA C 597 10.29 8.67 11.97
C ALA C 597 9.48 7.66 11.18
N ASP C 598 9.88 6.39 11.34
CA ASP C 598 9.17 5.27 10.73
C ASP C 598 9.54 4.01 11.49
N VAL C 599 8.72 2.98 11.32
CA VAL C 599 8.95 1.69 11.95
C VAL C 599 8.62 0.59 10.94
N THR C 600 9.44 -0.45 10.91
CA THR C 600 9.25 -1.62 10.07
C THR C 600 9.29 -2.87 10.93
N HIS C 601 8.46 -3.85 10.56
CA HIS C 601 8.27 -5.10 11.29
C HIS C 601 8.92 -6.25 10.53
N PRO C 602 9.22 -7.37 11.20
CA PRO C 602 9.84 -8.50 10.49
C PRO C 602 8.85 -9.15 9.53
N PRO C 603 9.30 -10.12 8.70
CA PRO C 603 8.39 -10.79 7.78
C PRO C 603 7.24 -11.52 8.48
N LYS C 609 12.97 -11.15 13.49
CA LYS C 609 12.32 -10.94 14.78
C LYS C 609 12.31 -9.47 15.28
N PRO C 610 13.41 -8.72 15.17
CA PRO C 610 13.37 -7.33 15.62
C PRO C 610 12.42 -6.47 14.79
N SER C 611 11.78 -5.52 15.46
CA SER C 611 11.06 -4.43 14.81
C SER C 611 11.93 -3.18 14.90
N ILE C 612 12.29 -2.63 13.75
CA ILE C 612 13.28 -1.56 13.67
C ILE C 612 12.53 -0.24 13.54
N ALA C 613 12.77 0.67 14.49
CA ALA C 613 12.20 2.01 14.48
C ALA C 613 13.33 3.01 14.30
N ALA C 614 13.23 3.82 13.24
CA ALA C 614 14.25 4.80 12.89
C ALA C 614 13.67 6.20 13.02
N VAL C 615 14.51 7.12 13.50
CA VAL C 615 14.17 8.54 13.63
C VAL C 615 15.29 9.34 13.00
N VAL C 616 14.93 10.23 12.08
CA VAL C 616 15.88 11.11 11.41
C VAL C 616 15.58 12.55 11.83
N GLY C 617 16.64 13.37 11.83
CA GLY C 617 16.55 14.77 12.20
C GLY C 617 17.43 15.64 11.35
N SER C 618 16.89 16.79 10.93
CA SER C 618 17.67 17.73 10.12
C SER C 618 18.83 18.29 10.94
N MET C 619 19.90 18.65 10.22
CA MET C 619 21.13 19.15 10.81
C MET C 619 21.53 20.54 10.33
N ASP C 620 20.79 21.12 9.39
CA ASP C 620 21.08 22.46 8.87
C ASP C 620 19.77 23.21 8.69
N ALA C 621 19.88 24.47 8.26
CA ALA C 621 18.73 25.35 8.17
C ALA C 621 17.95 25.20 6.86
N HIS C 622 18.42 24.39 5.91
CA HIS C 622 17.79 24.33 4.60
C HIS C 622 16.51 23.49 4.63
N PRO C 623 16.53 22.22 5.08
CA PRO C 623 17.65 21.32 5.39
C PRO C 623 17.89 20.34 4.25
N ASN C 624 19.07 19.72 4.19
CA ASN C 624 19.32 18.61 3.27
C ASN C 624 19.98 17.43 3.97
N ARG C 625 20.84 17.70 4.95
CA ARG C 625 21.57 16.65 5.65
C ARG C 625 20.79 16.22 6.88
N TYR C 626 20.39 14.95 6.91
CA TYR C 626 19.62 14.37 8.01
C TYR C 626 20.51 13.38 8.74
N CYS C 627 20.72 13.60 10.04
CA CYS C 627 21.31 12.58 10.89
C CYS C 627 20.24 11.56 11.23
N ALA C 628 20.67 10.31 11.43
CA ALA C 628 19.78 9.18 11.62
C ALA C 628 20.14 8.44 12.89
N THR C 629 19.12 8.02 13.64
CA THR C 629 19.25 7.11 14.76
C THR C 629 18.24 5.99 14.58
N VAL C 630 18.53 4.83 15.15
CA VAL C 630 17.76 3.62 14.90
C VAL C 630 17.80 2.76 16.15
N ARG C 631 16.67 2.10 16.43
CA ARG C 631 16.53 1.23 17.59
C ARG C 631 15.73 0.01 17.23
N VAL C 632 16.26 -1.16 17.57
CA VAL C 632 15.46 -2.39 17.55
C VAL C 632 14.62 -2.42 18.82
N GLN C 633 13.37 -2.86 18.70
CA GLN C 633 12.43 -2.78 19.81
C GLN C 633 11.49 -3.99 19.75
N GLN C 634 10.37 -3.92 20.47
CA GLN C 634 9.49 -5.06 20.67
C GLN C 634 8.89 -5.52 19.35
N HIS C 635 8.59 -6.82 19.30
CA HIS C 635 8.02 -7.45 18.10
C HIS C 635 6.67 -6.84 17.76
N ARG C 636 6.56 -6.30 16.54
CA ARG C 636 5.34 -5.72 15.98
C ARG C 636 4.88 -4.46 16.69
N GLN C 637 5.69 -3.89 17.59
CA GLN C 637 5.27 -2.70 18.32
C GLN C 637 5.38 -1.46 17.44
N GLU C 638 4.32 -0.66 17.45
CA GLU C 638 4.28 0.59 16.69
C GLU C 638 4.92 1.75 17.42
N ILE C 639 4.84 1.77 18.75
CA ILE C 639 5.36 2.90 19.52
C ILE C 639 6.89 2.90 19.46
N ILE C 640 7.47 4.06 19.19
CA ILE C 640 8.92 4.24 19.27
C ILE C 640 9.24 4.35 20.76
N GLN C 641 9.77 3.27 21.34
CA GLN C 641 9.94 3.21 22.78
C GLN C 641 10.97 4.21 23.27
N ASP C 642 12.08 4.36 22.54
CA ASP C 642 13.23 5.15 22.97
C ASP C 642 13.35 6.42 22.14
N LEU C 643 12.21 7.07 21.86
CA LEU C 643 12.24 8.29 21.05
C LEU C 643 12.91 9.45 21.78
N ALA C 644 12.84 9.48 23.11
CA ALA C 644 13.39 10.59 23.86
C ALA C 644 14.91 10.69 23.68
N ALA C 645 15.61 9.55 23.79
CA ALA C 645 17.06 9.57 23.63
C ALA C 645 17.44 9.91 22.20
N MET C 646 16.68 9.41 21.21
CA MET C 646 16.97 9.73 19.82
C MET C 646 16.81 11.22 19.55
N VAL C 647 15.74 11.82 20.06
CA VAL C 647 15.55 13.25 19.87
C VAL C 647 16.62 14.04 20.60
N ARG C 648 17.04 13.57 21.78
CA ARG C 648 18.12 14.23 22.50
C ARG C 648 19.41 14.21 21.68
N GLU C 649 19.74 13.05 21.10
CA GLU C 649 20.95 12.95 20.29
C GLU C 649 20.88 13.85 19.07
N LEU C 650 19.72 13.87 18.40
CA LEU C 650 19.59 14.73 17.21
C LEU C 650 19.66 16.20 17.57
N LEU C 651 19.05 16.59 18.70
CA LEU C 651 19.14 17.99 19.12
C LEU C 651 20.55 18.37 19.50
N ILE C 652 21.28 17.46 20.16
CA ILE C 652 22.67 17.73 20.51
C ILE C 652 23.50 17.91 19.25
N GLN C 653 23.30 17.04 18.25
CA GLN C 653 24.03 17.17 17.00
C GLN C 653 23.67 18.47 16.28
N PHE C 654 22.39 18.85 16.29
CA PHE C 654 21.98 20.11 15.67
C PHE C 654 22.61 21.31 16.37
N TYR C 655 22.64 21.30 17.70
CA TYR C 655 23.25 22.39 18.45
C TYR C 655 24.75 22.46 18.19
N LYS C 656 25.42 21.32 18.13
CA LYS C 656 26.86 21.32 17.85
C LYS C 656 27.15 21.76 16.42
N SER C 657 26.25 21.46 15.48
CA SER C 657 26.49 21.81 14.09
C SER C 657 26.15 23.27 13.77
N THR C 658 25.20 23.86 14.51
CA THR C 658 24.70 25.20 14.21
C THR C 658 24.79 26.19 15.37
N ARG C 659 25.20 25.76 16.57
CA ARG C 659 25.27 26.58 17.79
C ARG C 659 23.99 27.40 17.99
N PHE C 660 22.85 26.77 17.73
CA PHE C 660 21.54 27.34 18.03
C PHE C 660 20.60 26.21 18.41
N LYS C 661 19.57 26.56 19.19
CA LYS C 661 18.52 25.61 19.59
C LYS C 661 17.31 25.79 18.68
N PRO C 662 16.69 24.73 18.16
CA PRO C 662 15.54 24.95 17.27
C PRO C 662 14.31 25.41 18.04
N THR C 663 13.76 26.56 17.65
CA THR C 663 12.59 27.10 18.31
C THR C 663 11.32 26.33 18.00
N ARG C 664 11.30 25.58 16.90
CA ARG C 664 10.15 24.77 16.49
C ARG C 664 10.62 23.36 16.19
N ILE C 665 9.71 22.41 16.37
CA ILE C 665 9.96 21.00 16.04
C ILE C 665 8.78 20.52 15.19
N ILE C 666 9.10 19.88 14.07
CA ILE C 666 8.11 19.25 13.20
C ILE C 666 8.46 17.76 13.17
N PHE C 667 7.50 16.92 13.59
CA PHE C 667 7.71 15.48 13.76
C PHE C 667 6.71 14.73 12.90
N TYR C 668 7.15 14.27 11.73
CA TYR C 668 6.36 13.35 10.93
C TYR C 668 6.46 11.94 11.49
N ARG C 669 5.46 11.12 11.17
CA ARG C 669 5.39 9.78 11.75
C ARG C 669 4.58 8.90 10.80
N ALA C 670 5.28 8.04 10.06
CA ALA C 670 4.66 7.05 9.19
C ALA C 670 4.52 5.72 9.91
N GLY C 671 3.69 4.85 9.34
CA GLY C 671 3.52 3.50 9.85
C GLY C 671 2.45 3.33 10.91
N VAL C 672 1.74 4.39 11.29
CA VAL C 672 0.75 4.32 12.36
C VAL C 672 -0.59 3.92 11.78
N SER C 673 -1.31 3.06 12.50
CA SER C 673 -2.67 2.68 12.17
C SER C 673 -3.66 3.62 12.85
N GLU C 674 -4.85 3.73 12.26
CA GLU C 674 -5.82 4.73 12.72
C GLU C 674 -6.30 4.44 14.14
N GLY C 675 -6.27 3.18 14.56
CA GLY C 675 -6.73 2.86 15.90
C GLY C 675 -5.78 3.20 17.02
N GLN C 676 -4.55 3.62 16.70
CA GLN C 676 -3.50 3.84 17.68
C GLN C 676 -3.15 5.31 17.90
N PHE C 677 -3.78 6.23 17.15
CA PHE C 677 -3.38 7.64 17.18
C PHE C 677 -3.51 8.22 18.58
N GLN C 678 -4.63 7.94 19.25
CA GLN C 678 -4.85 8.44 20.60
C GLN C 678 -3.77 7.98 21.56
N GLN C 679 -3.20 6.79 21.32
CA GLN C 679 -2.05 6.37 22.12
C GLN C 679 -0.79 7.09 21.67
N VAL C 680 -0.55 7.16 20.36
CA VAL C 680 0.71 7.69 19.85
C VAL C 680 0.86 9.16 20.21
N LEU C 681 -0.19 9.95 19.97
CA LEU C 681 -0.18 11.35 20.35
C LEU C 681 0.04 11.53 21.84
N HIS C 682 -0.41 10.57 22.66
CA HIS C 682 -0.15 10.67 24.09
C HIS C 682 1.32 10.42 24.39
N HIS C 683 1.92 9.42 23.75
CA HIS C 683 3.26 8.96 24.15
C HIS C 683 4.36 9.80 23.52
N GLU C 684 4.47 9.72 22.18
CA GLU C 684 5.67 10.19 21.49
C GLU C 684 5.86 11.69 21.68
N LEU C 685 4.78 12.46 21.59
CA LEU C 685 4.82 13.91 21.82
C LEU C 685 5.46 14.22 23.16
N LEU C 686 5.00 13.56 24.22
CA LEU C 686 5.56 13.78 25.55
C LEU C 686 7.04 13.46 25.57
N ALA C 687 7.44 12.37 24.91
CA ALA C 687 8.84 12.00 24.85
C ALA C 687 9.66 13.10 24.20
N ILE C 688 9.14 13.70 23.12
CA ILE C 688 9.85 14.80 22.48
C ILE C 688 10.02 15.95 23.45
N ARG C 689 8.94 16.27 24.18
CA ARG C 689 9.01 17.32 25.19
C ARG C 689 10.06 16.97 26.24
N GLU C 690 10.09 15.69 26.64
CA GLU C 690 11.06 15.25 27.64
C GLU C 690 12.48 15.48 27.14
N ALA C 691 12.71 15.24 25.84
CA ALA C 691 14.03 15.46 25.28
C ALA C 691 14.43 16.92 25.41
N CYS C 692 13.49 17.83 25.17
CA CYS C 692 13.78 19.25 25.36
C CYS C 692 14.13 19.53 26.81
N ILE C 693 13.41 18.91 27.74
CA ILE C 693 13.71 19.08 29.16
C ILE C 693 15.10 18.54 29.47
N LYS C 694 15.55 17.53 28.72
CA LYS C 694 16.89 17.01 28.92
C LYS C 694 17.94 17.89 28.27
N LEU C 695 17.57 18.65 27.23
CA LEU C 695 18.56 19.49 26.57
C LEU C 695 18.90 20.72 27.40
N GLU C 696 17.89 21.34 28.01
CA GLU C 696 18.09 22.54 28.80
C GLU C 696 16.87 22.73 29.69
N LYS C 697 17.08 23.40 30.82
CA LYS C 697 16.02 23.54 31.82
C LYS C 697 14.86 24.39 31.28
N ASP C 698 15.18 25.52 30.65
CA ASP C 698 14.18 26.51 30.25
C ASP C 698 13.85 26.46 28.76
N TYR C 699 14.25 25.41 28.05
CA TYR C 699 14.04 25.31 26.62
C TYR C 699 12.65 24.73 26.32
N GLN C 700 11.93 25.39 25.42
CA GLN C 700 10.52 25.06 25.16
C GLN C 700 10.17 25.46 23.74
N PRO C 701 10.40 24.58 22.76
CA PRO C 701 9.99 24.88 21.38
C PRO C 701 8.54 24.47 21.12
N GLY C 702 8.04 24.91 19.97
CA GLY C 702 6.71 24.54 19.53
C GLY C 702 6.72 23.30 18.66
N ILE C 703 6.00 22.26 19.11
CA ILE C 703 6.02 20.95 18.46
C ILE C 703 4.79 20.83 17.56
N THR C 704 5.00 20.29 16.36
CA THR C 704 3.92 19.91 15.45
C THR C 704 4.03 18.42 15.18
N PHE C 705 3.00 17.67 15.56
CA PHE C 705 2.95 16.21 15.43
C PHE C 705 1.99 15.87 14.30
N ILE C 706 2.50 15.16 13.28
CA ILE C 706 1.77 14.84 12.07
C ILE C 706 1.88 13.33 11.87
N VAL C 707 0.85 12.73 11.26
CA VAL C 707 0.83 11.32 10.91
C VAL C 707 0.40 11.20 9.45
N VAL C 708 1.13 10.38 8.70
CA VAL C 708 0.90 10.20 7.26
C VAL C 708 0.48 8.76 7.03
N GLN C 709 -0.51 8.58 6.15
CA GLN C 709 -1.04 7.26 5.78
C GLN C 709 -1.01 7.08 4.27
N HIS C 712 -5.29 2.86 0.84
CA HIS C 712 -6.72 2.99 1.09
C HIS C 712 -7.50 2.86 -0.22
N HIS C 713 -8.84 2.90 -0.11
CA HIS C 713 -9.73 2.79 -1.26
C HIS C 713 -10.22 4.15 -1.77
N THR C 714 -9.90 5.26 -1.10
CA THR C 714 -10.47 6.57 -1.42
C THR C 714 -9.78 7.14 -2.67
N ARG C 715 -10.14 6.56 -3.81
CA ARG C 715 -9.61 7.02 -5.08
C ARG C 715 -10.21 8.38 -5.44
N LEU C 716 -9.44 9.18 -6.17
CA LEU C 716 -9.86 10.49 -6.67
C LEU C 716 -9.47 10.60 -8.13
N PHE C 717 -10.34 11.23 -8.93
CA PHE C 717 -10.15 11.35 -10.37
C PHE C 717 -10.46 12.78 -10.79
N CYS C 718 -10.01 13.12 -11.99
CA CYS C 718 -10.29 14.45 -12.54
C CYS C 718 -11.72 14.53 -13.04
N THR C 719 -12.16 15.75 -13.33
CA THR C 719 -13.43 16.05 -13.96
C THR C 719 -13.27 16.83 -15.24
N ASP C 720 -12.29 17.73 -15.31
CA ASP C 720 -11.99 18.45 -16.54
C ASP C 720 -11.13 17.58 -17.44
N LYS C 721 -11.44 17.59 -18.75
CA LYS C 721 -10.71 16.78 -19.69
C LYS C 721 -9.27 17.26 -19.85
N ASN C 722 -9.04 18.57 -19.74
CA ASN C 722 -7.68 19.10 -19.90
C ASN C 722 -6.76 18.74 -18.75
N GLU C 723 -7.31 18.43 -17.57
CA GLU C 723 -6.51 18.18 -16.37
C GLU C 723 -6.02 16.74 -16.26
N ARG C 724 -6.31 15.88 -17.24
CA ARG C 724 -5.87 14.49 -17.20
C ARG C 724 -4.42 14.43 -17.66
N VAL C 725 -3.54 13.91 -16.80
CA VAL C 725 -2.09 14.01 -16.97
C VAL C 725 -1.54 12.62 -17.30
N GLY C 726 -0.76 12.55 -18.39
CA GLY C 726 0.02 11.37 -18.67
C GLY C 726 -0.80 10.20 -19.18
N LYS C 727 -0.10 9.07 -19.34
CA LYS C 727 -0.75 7.85 -19.80
C LYS C 727 -1.79 7.37 -18.80
N SER C 728 -1.48 7.42 -17.51
CA SER C 728 -2.41 6.94 -16.50
C SER C 728 -3.57 7.90 -16.28
N GLY C 729 -3.42 9.18 -16.62
CA GLY C 729 -4.50 10.12 -16.44
C GLY C 729 -4.80 10.47 -14.99
N ASN C 730 -3.84 10.30 -14.10
CA ASN C 730 -4.05 10.61 -12.70
C ASN C 730 -4.12 12.12 -12.49
N ILE C 731 -4.60 12.50 -11.31
CA ILE C 731 -4.64 13.90 -10.89
C ILE C 731 -3.22 14.43 -10.84
N PRO C 732 -2.97 15.71 -11.10
CA PRO C 732 -1.58 16.19 -11.13
C PRO C 732 -0.94 16.18 -9.74
N ALA C 733 0.39 16.15 -9.74
CA ALA C 733 1.14 16.08 -8.50
C ALA C 733 0.93 17.34 -7.66
N GLY C 734 0.86 17.15 -6.34
CA GLY C 734 0.71 18.23 -5.41
C GLY C 734 -0.72 18.66 -5.12
N THR C 735 -1.72 18.00 -5.71
CA THR C 735 -3.10 18.35 -5.44
C THR C 735 -3.47 17.99 -4.01
N THR C 736 -4.20 18.90 -3.35
CA THR C 736 -4.64 18.74 -1.98
C THR C 736 -6.17 18.81 -1.92
N VAL C 737 -6.77 17.93 -1.14
CA VAL C 737 -8.21 17.88 -0.92
C VAL C 737 -8.46 17.85 0.58
N ASP C 738 -9.24 18.82 1.07
CA ASP C 738 -9.56 18.92 2.49
C ASP C 738 -11.01 19.37 2.70
N THR C 739 -11.92 18.98 1.80
CA THR C 739 -13.31 19.36 1.92
C THR C 739 -14.19 18.31 1.27
N LYS C 740 -15.36 18.07 1.89
CA LYS C 740 -16.44 17.22 1.39
C LYS C 740 -16.15 15.72 1.45
N ILE C 741 -14.94 15.32 1.82
CA ILE C 741 -14.62 13.90 2.02
C ILE C 741 -13.77 13.64 3.25
N THR C 742 -13.13 14.64 3.86
CA THR C 742 -12.22 14.42 4.98
C THR C 742 -13.01 14.43 6.28
N HIS C 743 -12.29 14.43 7.41
CA HIS C 743 -12.94 14.44 8.71
C HIS C 743 -13.70 15.76 8.90
N PRO C 744 -14.94 15.73 9.41
CA PRO C 744 -15.71 16.99 9.44
C PRO C 744 -15.15 18.02 10.41
N THR C 745 -14.46 17.60 11.47
CA THR C 745 -14.00 18.49 12.54
C THR C 745 -12.50 18.58 12.65
N GLU C 746 -11.79 17.46 12.58
CA GLU C 746 -10.35 17.44 12.85
C GLU C 746 -9.56 17.91 11.64
N PHE C 747 -8.28 18.23 11.90
CA PHE C 747 -7.37 18.76 10.89
C PHE C 747 -6.74 17.59 10.15
N ASP C 748 -7.12 17.41 8.88
CA ASP C 748 -6.50 16.39 8.05
C ASP C 748 -6.77 16.73 6.59
N PHE C 749 -6.00 16.10 5.71
CA PHE C 749 -6.15 16.38 4.28
C PHE C 749 -5.47 15.29 3.46
N TYR C 750 -6.05 15.00 2.30
CA TYR C 750 -5.43 14.15 1.31
C TYR C 750 -4.51 15.00 0.44
N LEU C 751 -3.37 14.44 0.06
CA LEU C 751 -2.39 15.13 -0.77
C LEU C 751 -1.72 14.11 -1.68
N CYS C 752 -1.83 14.35 -3.00
CA CYS C 752 -1.22 13.48 -4.01
C CYS C 752 0.09 14.12 -4.46
N SER C 753 1.14 13.91 -3.66
CA SER C 753 2.41 14.55 -3.92
C SER C 753 3.13 13.90 -5.11
N HIS C 754 3.07 12.58 -5.22
CA HIS C 754 3.79 11.84 -6.24
C HIS C 754 2.97 11.73 -7.53
N ALA C 755 3.67 11.68 -8.66
CA ALA C 755 3.03 11.50 -9.95
C ALA C 755 2.65 10.04 -10.15
N GLY C 756 1.51 9.82 -10.81
CA GLY C 756 1.01 8.48 -11.04
C GLY C 756 1.60 7.82 -12.27
N ILE C 757 2.59 6.94 -12.08
CA ILE C 757 3.21 6.25 -13.20
C ILE C 757 2.21 5.30 -13.86
N GLN C 758 1.47 4.54 -13.06
CA GLN C 758 0.56 3.50 -13.54
C GLN C 758 -0.69 3.51 -12.68
N GLY C 759 -1.81 3.10 -13.29
CA GLY C 759 -3.04 2.91 -12.57
C GLY C 759 -3.57 4.20 -11.97
N THR C 760 -4.21 4.06 -10.80
CA THR C 760 -4.76 5.17 -10.04
C THR C 760 -3.92 5.37 -8.79
N SER C 761 -3.42 6.59 -8.60
CA SER C 761 -2.60 6.89 -7.44
C SER C 761 -3.44 6.89 -6.17
N ARG C 762 -2.81 6.49 -5.07
CA ARG C 762 -3.41 6.57 -3.75
C ARG C 762 -2.86 7.81 -3.05
N PRO C 763 -3.63 8.89 -2.86
CA PRO C 763 -3.08 10.06 -2.17
C PRO C 763 -2.73 9.77 -0.72
N SER C 764 -1.70 10.45 -0.23
CA SER C 764 -1.29 10.32 1.16
C SER C 764 -2.21 11.15 2.05
N HIS C 765 -2.74 10.51 3.08
CA HIS C 765 -3.67 11.14 4.01
C HIS C 765 -2.88 11.62 5.23
N TYR C 766 -2.69 12.93 5.34
CA TYR C 766 -1.98 13.54 6.47
C TYR C 766 -3.00 13.97 7.50
N HIS C 767 -2.90 13.39 8.71
CA HIS C 767 -3.77 13.69 9.84
C HIS C 767 -2.92 14.42 10.88
N VAL C 768 -3.16 15.72 11.03
CA VAL C 768 -2.37 16.55 11.93
C VAL C 768 -2.86 16.32 13.35
N LEU C 769 -2.07 15.59 14.14
CA LEU C 769 -2.47 15.24 15.49
C LEU C 769 -2.14 16.31 16.52
N TRP C 770 -1.23 17.24 16.22
CA TRP C 770 -0.92 18.29 17.19
C TRP C 770 -0.22 19.44 16.48
N ASP C 771 -0.48 20.66 16.93
CA ASP C 771 0.12 21.86 16.33
C ASP C 771 0.21 22.93 17.41
N ASP C 772 1.38 23.03 18.06
CA ASP C 772 1.61 24.11 19.02
C ASP C 772 1.86 25.44 18.32
N ASN C 773 2.47 25.42 17.15
CA ASN C 773 2.76 26.65 16.43
C ASN C 773 1.52 27.30 15.85
N ARG C 774 0.38 26.59 15.79
CA ARG C 774 -0.87 27.14 15.28
C ARG C 774 -0.75 27.55 13.81
N PHE C 775 -0.18 26.64 13.02
CA PHE C 775 -0.07 26.89 11.59
C PHE C 775 -1.44 26.96 10.94
N SER C 776 -1.57 27.86 9.97
CA SER C 776 -2.74 27.84 9.10
C SER C 776 -2.68 26.61 8.20
N SER C 777 -3.79 26.34 7.51
CA SER C 777 -3.83 25.20 6.60
C SER C 777 -2.83 25.38 5.46
N ASP C 778 -2.74 26.61 4.93
CA ASP C 778 -1.85 26.87 3.80
C ASP C 778 -0.40 26.60 4.17
N GLU C 779 0.06 27.16 5.30
CA GLU C 779 1.46 27.05 5.68
C GLU C 779 1.85 25.60 5.96
N LEU C 780 1.03 24.89 6.72
CA LEU C 780 1.38 23.52 7.07
C LEU C 780 1.28 22.58 5.87
N GLN C 781 0.27 22.78 5.01
CA GLN C 781 0.19 21.96 3.81
C GLN C 781 1.37 22.22 2.88
N ILE C 782 1.77 23.48 2.74
CA ILE C 782 2.93 23.80 1.92
C ILE C 782 4.19 23.17 2.52
N LEU C 783 4.31 23.18 3.84
CA LEU C 783 5.47 22.57 4.48
C LEU C 783 5.54 21.07 4.22
N THR C 784 4.41 20.37 4.43
CA THR C 784 4.38 18.92 4.22
C THR C 784 4.62 18.57 2.77
N TYR C 785 4.15 19.40 1.82
CA TYR C 785 4.40 19.13 0.42
C TYR C 785 5.84 19.46 0.01
N GLN C 786 6.43 20.50 0.60
CA GLN C 786 7.78 20.90 0.23
C GLN C 786 8.82 19.94 0.79
N LEU C 787 8.56 19.33 1.95
CA LEU C 787 9.50 18.34 2.48
C LEU C 787 9.45 17.00 1.74
N CYS C 788 8.61 16.86 0.71
CA CYS C 788 8.70 15.74 -0.21
C CYS C 788 9.77 15.93 -1.28
N HIS C 789 10.47 17.07 -1.30
CA HIS C 789 11.47 17.39 -2.31
C HIS C 789 12.87 17.58 -1.73
N THR C 790 13.10 17.15 -0.49
CA THR C 790 14.43 17.08 0.11
C THR C 790 14.98 15.65 0.11
N TYR C 791 14.53 14.84 -0.85
CA TYR C 791 14.90 13.44 -0.94
C TYR C 791 16.04 13.30 -1.95
N VAL C 792 17.17 12.73 -1.49
CA VAL C 792 18.41 12.79 -2.27
C VAL C 792 18.59 11.63 -3.25
N ARG C 793 17.92 10.50 -3.03
CA ARG C 793 18.21 9.32 -3.83
C ARG C 793 17.72 9.45 -5.28
N CYS C 794 16.82 10.38 -5.57
CA CYS C 794 16.36 10.58 -6.94
C CYS C 794 15.74 11.96 -7.07
N THR C 795 15.71 12.44 -8.31
CA THR C 795 15.20 13.78 -8.63
C THR C 795 13.74 13.71 -9.06
N ARG C 796 12.88 13.32 -8.13
CA ARG C 796 11.44 13.31 -8.39
C ARG C 796 10.71 13.37 -7.05
N SER C 797 9.47 13.85 -7.11
CA SER C 797 8.65 13.96 -5.91
C SER C 797 8.26 12.58 -5.40
N VAL C 798 8.29 12.42 -4.08
CA VAL C 798 7.96 11.16 -3.43
C VAL C 798 6.57 11.25 -2.82
N SER C 799 5.98 10.08 -2.55
CA SER C 799 4.61 10.02 -2.05
C SER C 799 4.48 10.64 -0.66
N ILE C 800 5.45 10.36 0.22
CA ILE C 800 5.42 10.80 1.61
C ILE C 800 6.62 11.70 1.83
N PRO C 801 6.64 12.52 2.89
CA PRO C 801 7.74 13.45 3.07
C PRO C 801 9.07 12.75 3.30
N ALA C 802 10.14 13.42 2.88
CA ALA C 802 11.48 12.85 3.01
C ALA C 802 11.86 12.47 4.43
N PRO C 803 11.50 13.21 5.49
CA PRO C 803 11.82 12.72 6.84
C PRO C 803 11.22 11.36 7.18
N ALA C 804 10.07 11.01 6.59
CA ALA C 804 9.46 9.72 6.87
C ALA C 804 10.12 8.60 6.07
N TYR C 805 10.28 8.81 4.76
CA TYR C 805 10.89 7.77 3.95
C TYR C 805 12.37 7.61 4.25
N TYR C 806 13.05 8.63 4.77
CA TYR C 806 14.41 8.44 5.23
C TYR C 806 14.46 7.51 6.43
N ALA C 807 13.50 7.64 7.35
CA ALA C 807 13.42 6.68 8.44
C ALA C 807 13.13 5.29 7.92
N HIS C 808 12.26 5.18 6.91
CA HIS C 808 12.00 3.88 6.29
C HIS C 808 13.28 3.29 5.69
N LEU C 809 14.07 4.12 5.00
CA LEU C 809 15.33 3.65 4.43
C LEU C 809 16.32 3.25 5.51
N VAL C 810 16.37 4.01 6.60
CA VAL C 810 17.27 3.67 7.70
C VAL C 810 16.90 2.32 8.28
N ALA C 811 15.60 2.07 8.45
CA ALA C 811 15.16 0.77 8.94
C ALA C 811 15.50 -0.34 7.96
N PHE C 812 15.34 -0.07 6.66
CA PHE C 812 15.67 -1.06 5.65
C PHE C 812 17.16 -1.40 5.67
N ARG C 813 18.00 -0.38 5.76
CA ARG C 813 19.45 -0.60 5.83
C ARG C 813 19.83 -1.33 7.11
N ALA C 814 19.17 -1.00 8.23
CA ALA C 814 19.44 -1.71 9.47
C ALA C 814 19.01 -3.17 9.38
N ARG C 815 17.95 -3.44 8.63
CA ARG C 815 17.59 -4.84 8.35
C ARG C 815 18.70 -5.51 7.56
N TYR C 816 19.29 -4.81 6.59
CA TYR C 816 20.44 -5.38 5.89
C TYR C 816 21.66 -5.49 6.81
N HIS C 817 21.79 -4.61 7.79
CA HIS C 817 22.86 -4.73 8.77
C HIS C 817 22.64 -5.97 9.62
N VAL C 819 22.09 -7.98 12.00
CA VAL C 819 22.99 -9.10 12.21
C VAL C 819 22.25 -10.26 12.85
N ASP C 820 21.92 -11.26 12.03
CA ASP C 820 21.27 -12.49 12.47
C ASP C 820 22.21 -13.64 12.11
N LYS C 821 23.12 -13.96 13.03
CA LYS C 821 24.13 -14.99 12.78
C LYS C 821 23.61 -16.40 12.96
N GLU C 822 22.38 -16.59 13.46
CA GLU C 822 21.80 -17.93 13.49
C GLU C 822 21.62 -18.47 12.08
N HIS C 823 21.16 -17.63 11.16
CA HIS C 823 21.00 -18.03 9.77
C HIS C 823 22.35 -18.08 9.05
N ASP C 824 23.25 -17.16 9.37
CA ASP C 824 24.56 -17.14 8.72
C ASP C 824 25.36 -18.39 9.06
N SER C 825 25.31 -18.82 10.32
CA SER C 825 26.00 -20.04 10.73
C SER C 825 25.30 -21.26 10.15
N ALA C 826 26.01 -22.39 10.17
CA ALA C 826 25.45 -23.63 9.64
C ALA C 826 24.24 -24.09 10.46
N GLU C 827 24.22 -23.79 11.75
CA GLU C 827 23.10 -24.15 12.61
C GLU C 827 23.02 -23.12 13.73
N GLY C 828 21.80 -22.93 14.25
CA GLY C 828 21.56 -22.00 15.33
C GLY C 828 20.40 -22.41 16.22
N SER C 829 20.65 -22.48 17.51
CA SER C 829 19.64 -22.87 18.48
C SER C 829 20.14 -22.53 19.87
N HIS C 830 19.23 -22.04 20.72
CA HIS C 830 19.57 -21.66 22.08
C HIS C 830 18.29 -21.64 22.91
N THR C 831 18.43 -21.37 24.20
CA THR C 831 17.29 -21.29 25.09
C THR C 831 16.51 -20.00 24.83
N SER C 832 15.57 -20.06 23.89
CA SER C 832 14.80 -18.88 23.54
C SER C 832 13.92 -18.43 24.71
N GLY C 833 13.68 -17.12 24.76
CA GLY C 833 12.92 -16.49 25.83
C GLY C 833 13.75 -15.55 26.69
N GLN C 834 15.05 -15.82 26.83
CA GLN C 834 15.98 -14.96 27.55
C GLN C 834 17.19 -14.64 26.68
N SER C 835 17.65 -15.61 25.89
CA SER C 835 18.78 -15.38 25.00
C SER C 835 18.46 -14.37 23.91
N ASN C 836 17.18 -14.19 23.58
CA ASN C 836 16.81 -13.13 22.64
C ASN C 836 17.12 -11.75 23.20
N GLY C 837 17.22 -11.59 24.52
CA GLY C 837 17.76 -10.36 25.06
C GLY C 837 19.21 -10.15 24.69
N ARG C 838 20.01 -11.22 24.74
CA ARG C 838 21.39 -11.14 24.27
C ARG C 838 21.44 -10.78 22.79
N ASP C 839 20.56 -11.40 21.98
CA ASP C 839 20.50 -11.07 20.57
C ASP C 839 20.08 -9.62 20.35
N HIS C 840 19.18 -9.12 21.20
CA HIS C 840 18.75 -7.73 21.12
C HIS C 840 19.90 -6.77 21.40
N GLN C 841 20.69 -7.06 22.44
CA GLN C 841 21.85 -6.22 22.73
C GLN C 841 22.88 -6.31 21.61
N ALA C 842 23.07 -7.51 21.05
CA ALA C 842 23.99 -7.68 19.93
C ALA C 842 23.54 -6.85 18.73
N LEU C 843 22.24 -6.87 18.43
CA LEU C 843 21.71 -6.05 17.35
C LEU C 843 21.87 -4.56 17.65
N ALA C 844 21.71 -4.18 18.92
CA ALA C 844 21.85 -2.78 19.31
C ALA C 844 23.26 -2.28 19.06
N LYS C 845 24.27 -3.07 19.45
CA LYS C 845 25.65 -2.65 19.20
C LYS C 845 26.05 -2.82 17.73
N ALA C 846 25.44 -3.77 17.01
CA ALA C 846 25.78 -3.96 15.61
C ALA C 846 25.24 -2.83 14.75
N VAL C 847 23.98 -2.43 15.00
CA VAL C 847 23.38 -1.32 14.27
C VAL C 847 23.91 0.04 14.74
N GLN C 848 24.72 0.07 15.79
CA GLN C 848 25.39 1.30 16.21
C GLN C 848 26.43 1.65 15.15
N VAL C 849 26.07 2.58 14.26
CA VAL C 849 26.89 2.88 13.09
C VAL C 849 28.17 3.57 13.52
N HIS C 850 29.24 3.33 12.76
CA HIS C 850 30.55 3.87 13.09
C HIS C 850 30.55 5.39 13.03
N GLN C 851 31.45 6.00 13.81
CA GLN C 851 31.47 7.46 13.94
C GLN C 851 31.78 8.13 12.61
N ASP C 852 32.73 7.58 11.84
CA ASP C 852 33.02 8.13 10.52
C ASP C 852 31.81 8.04 9.61
N THR C 853 31.01 6.97 9.75
CA THR C 853 29.79 6.81 8.98
C THR C 853 28.58 7.47 9.63
N LEU C 854 28.63 7.73 10.94
CA LEU C 854 27.50 8.33 11.63
C LEU C 854 27.26 9.77 11.17
N ARG C 855 28.32 10.50 10.83
CA ARG C 855 28.23 11.91 10.48
C ARG C 855 27.91 12.15 9.00
N THR C 856 27.46 11.12 8.28
CA THR C 856 27.10 11.25 6.87
C THR C 856 25.90 10.38 6.58
N MET C 857 25.20 10.71 5.49
CA MET C 857 23.96 10.02 5.12
C MET C 857 24.31 8.72 4.39
N TYR C 858 24.77 7.74 5.18
CA TYR C 858 25.04 6.42 4.65
C TYR C 858 23.79 5.74 4.13
N PHE C 859 22.63 6.05 4.72
CA PHE C 859 21.38 5.36 4.38
C PHE C 859 20.92 5.63 2.96
N ALA C 860 21.49 6.60 2.26
CA ALA C 860 21.14 6.85 0.86
C ALA C 860 21.43 5.63 -0.01
MG MG D . 7.44 1.99 6.06
#